data_5CJ1
#
_entry.id   5CJ1
#
_cell.length_a   56.085
_cell.length_b   64.466
_cell.length_c   93.594
_cell.angle_alpha   70.53
_cell.angle_beta   77.51
_cell.angle_gamma   74.15
#
_symmetry.space_group_name_H-M   'P 1'
#
loop_
_entity.id
_entity.type
_entity.pdbx_description
1 polymer 'Gp7-MYH7-(1526-1571) chimera protein'
2 water water
#
_entity_poly.entity_id   1
_entity_poly.type   'polypeptide(L)'
_entity_poly.pdbx_seq_one_letter_code
;GGSGPLKPEEHEDILNKLLDPELAQSERTEALQQLRVNYGSFVSEYNDLTKSHEKLEKVRKQLEAEKMELQSALEEAEAS
LEHEEGKILRAQLEFNQIKAE
;
_entity_poly.pdbx_strand_id   A,B,C,D,E,F,G,H
#
# COMPACT_ATOMS: atom_id res chain seq x y z
N GLY A 4 5.41 -36.35 5.45
CA GLY A 4 4.47 -35.26 5.62
C GLY A 4 3.31 -35.61 6.54
N PRO A 5 2.55 -34.60 7.01
CA PRO A 5 2.75 -33.16 6.80
C PRO A 5 4.00 -32.65 7.49
N LEU A 6 4.65 -31.64 6.93
CA LEU A 6 5.87 -31.08 7.51
C LEU A 6 5.67 -30.65 8.95
N LYS A 7 6.70 -30.84 9.78
CA LYS A 7 6.66 -30.30 11.13
C LYS A 7 6.82 -28.80 11.02
N PRO A 8 6.29 -28.06 12.01
CA PRO A 8 6.46 -26.59 12.01
C PRO A 8 7.92 -26.18 11.76
N GLU A 9 8.87 -26.86 12.38
CA GLU A 9 10.26 -26.43 12.21
C GLU A 9 10.82 -26.77 10.82
N GLU A 10 10.28 -27.80 10.18
CA GLU A 10 10.68 -28.10 8.80
C GLU A 10 10.07 -27.09 7.85
N HIS A 11 8.83 -26.71 8.13
CA HIS A 11 8.18 -25.61 7.41
C HIS A 11 9.00 -24.32 7.55
N GLU A 12 9.39 -24.01 8.79
CA GLU A 12 10.13 -22.78 9.08
C GLU A 12 11.45 -22.71 8.32
N ASP A 13 12.11 -23.85 8.17
CA ASP A 13 13.42 -23.89 7.49
C ASP A 13 13.25 -23.47 6.04
N ILE A 14 12.13 -23.86 5.41
CA ILE A 14 11.89 -23.42 4.04
C ILE A 14 11.60 -21.92 4.00
N LEU A 15 10.88 -21.42 5.00
CA LEU A 15 10.67 -19.98 5.10
C LEU A 15 12.05 -19.25 5.23
N ASN A 16 13.02 -19.84 5.92
CA ASN A 16 14.30 -19.16 6.07
C ASN A 16 15.07 -19.19 4.75
N LYS A 17 14.91 -20.25 3.96
CA LYS A 17 15.54 -20.32 2.65
C LYS A 17 15.01 -19.18 1.77
N LEU A 18 13.71 -18.89 1.90
CA LEU A 18 13.08 -17.86 1.07
C LEU A 18 13.35 -16.44 1.58
N LEU A 19 14.04 -16.35 2.70
CA LEU A 19 14.52 -15.07 3.24
C LEU A 19 15.92 -14.66 2.70
N ASP A 20 16.47 -15.49 1.80
CA ASP A 20 17.81 -15.30 1.22
C ASP A 20 17.75 -14.39 -0.02
N PRO A 21 18.57 -13.32 -0.04
CA PRO A 21 18.60 -12.40 -1.19
C PRO A 21 18.96 -13.15 -2.47
N GLU A 22 20.16 -13.71 -2.42
CA GLU A 22 20.79 -14.43 -3.51
C GLU A 22 20.23 -15.82 -3.76
N LEU A 23 19.00 -16.09 -3.29
CA LEU A 23 18.42 -17.41 -3.51
C LEU A 23 18.33 -17.66 -5.00
N ALA A 24 18.87 -18.80 -5.44
CA ALA A 24 18.86 -19.15 -6.86
C ALA A 24 17.45 -19.55 -7.29
N GLN A 25 17.11 -19.24 -8.53
CA GLN A 25 15.78 -19.44 -9.08
C GLN A 25 15.30 -20.87 -8.92
N SER A 26 16.16 -21.85 -9.21
CA SER A 26 15.74 -23.25 -9.10
C SER A 26 15.49 -23.69 -7.63
N GLU A 27 16.19 -23.07 -6.68
CA GLU A 27 15.95 -23.39 -5.29
C GLU A 27 14.69 -22.67 -4.82
N ARG A 28 14.45 -21.48 -5.35
CA ARG A 28 13.24 -20.74 -5.02
C ARG A 28 12.04 -21.54 -5.45
N THR A 29 12.12 -22.04 -6.68
CA THR A 29 11.03 -22.77 -7.28
C THR A 29 10.72 -24.08 -6.52
N GLU A 30 11.77 -24.83 -6.20
CA GLU A 30 11.65 -26.06 -5.42
C GLU A 30 11.10 -25.80 -4.02
N ALA A 31 11.51 -24.70 -3.41
CA ALA A 31 11.07 -24.42 -2.05
C ALA A 31 9.57 -24.11 -2.05
N LEU A 32 9.12 -23.34 -3.03
CA LEU A 32 7.69 -23.02 -3.11
C LEU A 32 6.82 -24.25 -3.46
N GLN A 33 7.31 -25.09 -4.37
CA GLN A 33 6.63 -26.36 -4.67
C GLN A 33 6.56 -27.29 -3.44
N GLN A 34 7.60 -27.30 -2.60
CA GLN A 34 7.55 -28.05 -1.34
C GLN A 34 6.44 -27.54 -0.44
N LEU A 35 6.32 -26.22 -0.29
CA LEU A 35 5.23 -25.63 0.51
C LEU A 35 3.86 -25.98 -0.06
N ARG A 36 3.76 -25.86 -1.38
CA ARG A 36 2.51 -26.07 -2.12
C ARG A 36 2.03 -27.52 -2.02
N VAL A 37 2.94 -28.44 -2.24
CA VAL A 37 2.63 -29.86 -2.19
C VAL A 37 2.24 -30.22 -0.74
N ASN A 38 3.02 -29.73 0.21
CA ASN A 38 2.77 -30.02 1.62
C ASN A 38 1.39 -29.52 2.06
N TYR A 39 1.07 -28.27 1.71
CA TYR A 39 -0.19 -27.67 2.12
C TYR A 39 -1.41 -28.38 1.54
N GLY A 40 -1.37 -28.67 0.25
CA GLY A 40 -2.42 -29.45 -0.38
C GLY A 40 -2.69 -30.79 0.33
N SER A 41 -1.61 -31.50 0.64
CA SER A 41 -1.69 -32.76 1.36
C SER A 41 -2.26 -32.62 2.79
N PHE A 42 -1.76 -31.61 3.51
CA PHE A 42 -2.20 -31.31 4.86
C PHE A 42 -3.69 -30.99 4.89
N VAL A 43 -4.11 -30.08 4.01
CA VAL A 43 -5.53 -29.72 3.88
C VAL A 43 -6.43 -30.94 3.70
N SER A 44 -6.05 -31.83 2.78
CA SER A 44 -6.82 -33.04 2.53
C SER A 44 -6.87 -33.95 3.74
N GLU A 45 -5.72 -34.21 4.37
CA GLU A 45 -5.65 -35.00 5.58
C GLU A 45 -6.57 -34.41 6.65
N TYR A 46 -6.48 -33.08 6.81
CA TYR A 46 -7.31 -32.39 7.77
C TYR A 46 -8.81 -32.54 7.48
N ASN A 47 -9.19 -32.48 6.20
CA ASN A 47 -10.60 -32.58 5.81
C ASN A 47 -11.14 -33.99 6.02
N ASP A 48 -10.33 -35.00 5.71
CA ASP A 48 -10.68 -36.38 6.02
C ASP A 48 -10.92 -36.57 7.52
N LEU A 49 -9.98 -36.09 8.34
CA LEU A 49 -10.10 -36.23 9.79
C LEU A 49 -11.32 -35.50 10.31
N THR A 50 -11.62 -34.34 9.73
CA THR A 50 -12.81 -33.60 10.12
C THR A 50 -14.07 -34.40 9.83
N LYS A 51 -14.13 -34.98 8.63
CA LYS A 51 -15.29 -35.76 8.22
C LYS A 51 -15.43 -37.04 9.06
N SER A 52 -14.29 -37.67 9.37
CA SER A 52 -14.27 -38.87 10.20
C SER A 52 -14.77 -38.58 11.61
N HIS A 53 -14.37 -37.42 12.12
CA HIS A 53 -14.76 -36.98 13.44
C HIS A 53 -16.28 -36.80 13.50
N GLU A 54 -16.85 -36.15 12.49
CA GLU A 54 -18.30 -35.95 12.39
C GLU A 54 -19.05 -37.27 12.37
N LYS A 55 -18.52 -38.24 11.63
CA LYS A 55 -19.09 -39.58 11.57
C LYS A 55 -19.14 -40.21 12.98
N LEU A 56 -18.01 -40.15 13.69
CA LEU A 56 -17.94 -40.65 15.06
C LEU A 56 -18.86 -39.92 16.02
N GLU A 57 -19.01 -38.61 15.83
CA GLU A 57 -19.87 -37.85 16.72
C GLU A 57 -21.33 -38.27 16.54
N LYS A 58 -21.68 -38.68 15.33
CA LYS A 58 -23.03 -39.15 15.03
C LYS A 58 -23.25 -40.54 15.63
N VAL A 59 -22.26 -41.41 15.46
CA VAL A 59 -22.28 -42.75 16.03
C VAL A 59 -22.41 -42.72 17.56
N ARG A 60 -21.76 -41.74 18.21
CA ARG A 60 -21.85 -41.59 19.65
C ARG A 60 -23.26 -41.21 20.08
N LYS A 61 -23.82 -40.19 19.44
CA LYS A 61 -25.16 -39.72 19.75
C LYS A 61 -26.18 -40.85 19.64
N GLN A 62 -26.01 -41.68 18.62
CA GLN A 62 -26.90 -42.80 18.42
C GLN A 62 -26.75 -43.87 19.52
N LEU A 63 -25.51 -44.28 19.78
CA LEU A 63 -25.25 -45.22 20.89
C LEU A 63 -25.83 -44.69 22.20
N GLU A 64 -25.66 -43.38 22.44
CA GLU A 64 -26.22 -42.75 23.63
C GLU A 64 -27.74 -42.97 23.74
N ALA A 65 -28.46 -42.73 22.65
CA ALA A 65 -29.91 -42.91 22.62
C ALA A 65 -30.32 -44.37 22.78
N GLU A 66 -29.55 -45.27 22.17
CA GLU A 66 -29.86 -46.70 22.23
C GLU A 66 -29.68 -47.24 23.65
N LYS A 67 -28.68 -46.67 24.33
CA LYS A 67 -28.40 -47.01 25.72
C LYS A 67 -29.52 -46.47 26.60
N MET A 68 -29.94 -45.25 26.29
CA MET A 68 -31.05 -44.63 27.01
C MET A 68 -32.34 -45.43 26.84
N GLU A 69 -32.53 -46.01 25.66
CA GLU A 69 -33.70 -46.82 25.40
C GLU A 69 -33.62 -48.13 26.16
N LEU A 70 -32.48 -48.79 26.09
CA LEU A 70 -32.27 -50.03 26.84
C LEU A 70 -32.55 -49.84 28.32
N GLN A 71 -31.99 -48.78 28.91
CA GLN A 71 -32.18 -48.52 30.34
C GLN A 71 -33.65 -48.26 30.66
N SER A 72 -34.39 -47.68 29.73
CA SER A 72 -35.82 -47.46 29.97
C SER A 72 -36.57 -48.78 29.97
N ALA A 73 -36.28 -49.61 28.97
CA ALA A 73 -36.92 -50.91 28.88
C ALA A 73 -36.54 -51.77 30.07
N LEU A 74 -35.30 -51.62 30.55
CA LEU A 74 -34.88 -52.35 31.73
C LEU A 74 -35.75 -51.97 32.94
N GLU A 75 -35.97 -50.68 33.14
CA GLU A 75 -36.72 -50.22 34.30
C GLU A 75 -38.21 -50.59 34.21
N GLU A 76 -38.72 -50.62 32.98
CA GLU A 76 -40.11 -51.04 32.75
C GLU A 76 -40.31 -52.55 33.02
N ALA A 77 -39.33 -53.39 32.65
CA ALA A 77 -39.40 -54.82 32.96
C ALA A 77 -39.27 -55.07 34.47
N GLU A 78 -38.43 -54.29 35.14
CA GLU A 78 -38.30 -54.39 36.59
C GLU A 78 -39.58 -53.91 37.26
N ALA A 79 -40.16 -52.84 36.72
CA ALA A 79 -41.41 -52.30 37.27
C ALA A 79 -42.53 -53.33 37.14
N SER A 80 -42.64 -53.94 35.95
CA SER A 80 -43.68 -54.94 35.69
C SER A 80 -43.49 -56.18 36.54
N LEU A 81 -42.24 -56.56 36.80
CA LEU A 81 -41.96 -57.67 37.71
C LEU A 81 -42.54 -57.38 39.11
N GLU A 82 -42.26 -56.19 39.63
CA GLU A 82 -42.82 -55.78 40.92
C GLU A 82 -44.36 -55.78 40.90
N HIS A 83 -44.95 -55.35 39.78
CA HIS A 83 -46.40 -55.35 39.62
C HIS A 83 -46.98 -56.78 39.70
N GLU A 84 -46.35 -57.71 38.99
CA GLU A 84 -46.76 -59.13 39.05
C GLU A 84 -46.67 -59.72 40.45
N GLU A 85 -45.57 -59.43 41.16
CA GLU A 85 -45.41 -59.94 42.54
C GLU A 85 -46.55 -59.42 43.43
N GLY A 86 -46.92 -58.17 43.21
CA GLY A 86 -48.03 -57.58 43.92
C GLY A 86 -49.31 -58.35 43.61
N LYS A 87 -49.47 -58.78 42.36
CA LYS A 87 -50.68 -59.52 41.95
C LYS A 87 -50.75 -60.90 42.63
N ILE A 88 -49.62 -61.59 42.70
CA ILE A 88 -49.52 -62.85 43.41
C ILE A 88 -49.93 -62.70 44.88
N LEU A 89 -49.46 -61.63 45.51
CA LEU A 89 -49.82 -61.36 46.90
C LEU A 89 -51.32 -61.13 47.03
N ARG A 90 -51.91 -60.39 46.10
CA ARG A 90 -53.36 -60.19 46.14
C ARG A 90 -54.11 -61.49 45.90
N ALA A 91 -53.55 -62.37 45.07
CA ALA A 91 -54.20 -63.66 44.85
C ALA A 91 -54.28 -64.43 46.17
N GLN A 92 -53.15 -64.51 46.89
CA GLN A 92 -53.13 -65.19 48.19
C GLN A 92 -54.16 -64.57 49.14
N LEU A 93 -54.30 -63.24 49.09
CA LEU A 93 -55.24 -62.55 49.98
C LEU A 93 -56.68 -62.90 49.67
N GLU A 94 -57.00 -62.98 48.38
CA GLU A 94 -58.36 -63.36 47.98
C GLU A 94 -58.65 -64.81 48.36
N PHE A 95 -57.66 -65.68 48.14
CA PHE A 95 -57.77 -67.08 48.54
C PHE A 95 -57.97 -67.22 50.08
N ASN A 96 -57.23 -66.44 50.85
CA ASN A 96 -57.38 -66.43 52.31
C ASN A 96 -58.82 -66.08 52.73
N GLN A 97 -59.37 -65.07 52.07
CA GLN A 97 -60.70 -64.58 52.39
C GLN A 97 -61.68 -65.70 52.12
N ILE A 98 -61.46 -66.45 51.04
CA ILE A 98 -62.36 -67.54 50.72
C ILE A 98 -62.14 -68.73 51.67
N LYS A 99 -60.88 -69.05 51.96
CA LYS A 99 -60.59 -70.18 52.85
C LYS A 99 -61.16 -70.00 54.25
N ALA A 100 -61.04 -68.80 54.79
CA ALA A 100 -61.25 -68.57 56.22
C ALA A 100 -62.73 -68.59 56.62
N GLU A 101 -63.61 -68.52 55.64
CA GLU A 101 -65.05 -68.60 55.88
C GLU A 101 -65.42 -69.91 56.57
N GLY B 4 -10.41 -19.45 10.58
CA GLY B 4 -9.80 -20.70 10.17
C GLY B 4 -8.55 -20.50 9.34
N PRO B 5 -7.90 -21.62 8.92
CA PRO B 5 -6.67 -21.65 8.10
C PRO B 5 -6.86 -21.14 6.66
N LEU B 6 -5.79 -20.63 6.05
CA LEU B 6 -5.85 -20.18 4.67
C LEU B 6 -6.46 -21.24 3.75
N LYS B 7 -7.39 -20.82 2.90
CA LYS B 7 -7.91 -21.67 1.83
C LYS B 7 -6.75 -21.98 0.88
N PRO B 8 -6.79 -23.14 0.21
CA PRO B 8 -5.70 -23.48 -0.70
C PRO B 8 -5.41 -22.34 -1.67
N GLU B 9 -6.42 -21.62 -2.14
CA GLU B 9 -6.22 -20.57 -3.16
C GLU B 9 -5.57 -19.31 -2.61
N GLU B 10 -5.80 -19.01 -1.32
CA GLU B 10 -5.13 -17.88 -0.69
C GLU B 10 -3.65 -18.23 -0.38
N HIS B 11 -3.42 -19.47 0.06
CA HIS B 11 -2.06 -19.97 0.25
C HIS B 11 -1.29 -19.85 -1.06
N GLU B 12 -1.90 -20.36 -2.14
CA GLU B 12 -1.26 -20.35 -3.46
C GLU B 12 -0.87 -18.93 -3.91
N ASP B 13 -1.76 -17.98 -3.65
CA ASP B 13 -1.56 -16.60 -4.04
C ASP B 13 -0.34 -16.00 -3.34
N ILE B 14 -0.12 -16.41 -2.10
CA ILE B 14 1.06 -15.96 -1.36
C ILE B 14 2.32 -16.56 -1.98
N LEU B 15 2.29 -17.85 -2.37
CA LEU B 15 3.45 -18.47 -3.04
C LEU B 15 3.77 -17.77 -4.36
N ASN B 16 2.72 -17.43 -5.12
CA ASN B 16 2.93 -16.68 -6.35
C ASN B 16 3.66 -15.35 -6.10
N LYS B 17 3.32 -14.69 -4.99
CA LYS B 17 3.97 -13.42 -4.65
C LYS B 17 5.45 -13.67 -4.42
N LEU B 18 5.76 -14.74 -3.70
CA LEU B 18 7.14 -15.05 -3.36
C LEU B 18 7.96 -15.52 -4.55
N LEU B 19 7.29 -15.89 -5.66
CA LEU B 19 8.01 -16.35 -6.83
C LEU B 19 8.94 -15.28 -7.39
N ASP B 20 8.53 -14.01 -7.29
CA ASP B 20 9.29 -12.89 -7.85
C ASP B 20 10.42 -12.40 -6.91
N PRO B 21 11.71 -12.58 -7.30
CA PRO B 21 12.79 -12.11 -6.42
C PRO B 21 12.81 -10.59 -6.27
N GLU B 22 12.13 -9.87 -7.15
CA GLU B 22 12.09 -8.41 -7.07
C GLU B 22 11.00 -7.91 -6.12
N LEU B 23 10.22 -8.82 -5.54
CA LEU B 23 9.22 -8.46 -4.53
C LEU B 23 9.89 -7.61 -3.45
N ALA B 24 9.26 -6.50 -3.07
CA ALA B 24 9.80 -5.63 -2.03
C ALA B 24 9.99 -6.43 -0.74
N GLN B 25 11.07 -6.12 -0.03
CA GLN B 25 11.44 -6.86 1.18
C GLN B 25 10.33 -6.91 2.23
N SER B 26 9.65 -5.79 2.45
CA SER B 26 8.56 -5.75 3.44
C SER B 26 7.40 -6.66 3.05
N GLU B 27 7.08 -6.70 1.76
CA GLU B 27 6.07 -7.62 1.28
C GLU B 27 6.50 -9.09 1.41
N ARG B 28 7.79 -9.37 1.21
CA ARG B 28 8.30 -10.73 1.34
C ARG B 28 8.20 -11.19 2.80
N THR B 29 8.64 -10.37 3.75
CA THR B 29 8.69 -10.83 5.13
C THR B 29 7.28 -10.88 5.72
N GLU B 30 6.39 -9.99 5.25
CA GLU B 30 4.95 -10.09 5.61
C GLU B 30 4.37 -11.39 5.12
N ALA B 31 4.66 -11.74 3.87
CA ALA B 31 4.13 -12.99 3.30
C ALA B 31 4.67 -14.20 4.05
N LEU B 32 5.95 -14.20 4.38
CA LEU B 32 6.54 -15.33 5.11
C LEU B 32 5.91 -15.49 6.49
N GLN B 33 5.71 -14.39 7.20
CA GLN B 33 5.03 -14.39 8.51
C GLN B 33 3.59 -14.90 8.39
N GLN B 34 2.90 -14.50 7.33
CA GLN B 34 1.55 -15.03 7.08
C GLN B 34 1.56 -16.56 6.95
N LEU B 35 2.50 -17.09 6.17
CA LEU B 35 2.62 -18.54 6.03
C LEU B 35 2.97 -19.17 7.39
N ARG B 36 3.82 -18.48 8.15
CA ARG B 36 4.31 -19.03 9.41
C ARG B 36 3.19 -19.14 10.46
N VAL B 37 2.46 -18.06 10.66
CA VAL B 37 1.36 -18.03 11.63
C VAL B 37 0.27 -19.03 11.22
N ASN B 38 -0.09 -19.03 9.94
CA ASN B 38 -1.07 -19.95 9.39
C ASN B 38 -0.71 -21.39 9.68
N TYR B 39 0.55 -21.73 9.43
CA TYR B 39 0.97 -23.12 9.57
C TYR B 39 0.95 -23.51 11.05
N GLY B 40 1.46 -22.62 11.90
CA GLY B 40 1.47 -22.88 13.34
C GLY B 40 0.05 -23.15 13.86
N SER B 41 -0.91 -22.31 13.46
CA SER B 41 -2.31 -22.47 13.86
C SER B 41 -2.91 -23.74 13.33
N PHE B 42 -2.64 -23.99 12.05
CA PHE B 42 -3.18 -25.15 11.36
C PHE B 42 -2.74 -26.44 12.07
N VAL B 43 -1.44 -26.51 12.37
CA VAL B 43 -0.89 -27.69 13.01
C VAL B 43 -1.56 -27.89 14.39
N SER B 44 -1.67 -26.81 15.15
CA SER B 44 -2.29 -26.84 16.49
C SER B 44 -3.73 -27.35 16.40
N GLU B 45 -4.48 -26.79 15.47
CA GLU B 45 -5.86 -27.19 15.29
C GLU B 45 -5.96 -28.67 14.88
N TYR B 46 -5.08 -29.11 13.98
CA TYR B 46 -5.01 -30.52 13.55
C TYR B 46 -4.70 -31.47 14.72
N ASN B 47 -3.76 -31.06 15.59
CA ASN B 47 -3.36 -31.89 16.72
C ASN B 47 -4.50 -32.00 17.74
N ASP B 48 -5.22 -30.90 17.97
CA ASP B 48 -6.38 -30.93 18.86
C ASP B 48 -7.48 -31.82 18.28
N LEU B 49 -7.70 -31.72 16.97
CA LEU B 49 -8.68 -32.58 16.32
C LEU B 49 -8.29 -34.06 16.49
N THR B 50 -7.00 -34.36 16.35
CA THR B 50 -6.53 -35.73 16.52
C THR B 50 -6.77 -36.22 17.96
N LYS B 51 -6.53 -35.34 18.94
CA LYS B 51 -6.73 -35.67 20.35
C LYS B 51 -8.21 -35.89 20.60
N SER B 52 -9.04 -35.01 20.06
CA SER B 52 -10.48 -35.16 20.20
C SER B 52 -10.97 -36.46 19.53
N HIS B 53 -10.42 -36.80 18.37
CA HIS B 53 -10.87 -38.01 17.65
C HIS B 53 -10.53 -39.28 18.41
N GLU B 54 -9.37 -39.30 19.05
CA GLU B 54 -8.94 -40.45 19.84
C GLU B 54 -9.87 -40.68 21.04
N LYS B 55 -10.27 -39.59 21.68
CA LYS B 55 -11.13 -39.68 22.86
C LYS B 55 -12.53 -40.13 22.48
N LEU B 56 -13.00 -39.70 21.31
CA LEU B 56 -14.28 -40.17 20.80
C LEU B 56 -14.24 -41.67 20.50
N GLU B 57 -13.14 -42.18 19.98
CA GLU B 57 -13.06 -43.61 19.69
C GLU B 57 -13.13 -44.45 20.97
N LYS B 58 -12.52 -43.97 22.06
CA LYS B 58 -12.68 -44.62 23.38
C LYS B 58 -14.13 -44.54 23.88
N VAL B 59 -14.74 -43.37 23.74
CA VAL B 59 -16.14 -43.22 24.14
C VAL B 59 -17.00 -44.25 23.41
N ARG B 60 -16.74 -44.41 22.11
CA ARG B 60 -17.52 -45.34 21.31
C ARG B 60 -17.36 -46.77 21.79
N LYS B 61 -16.11 -47.23 22.01
CA LYS B 61 -15.89 -48.59 22.52
C LYS B 61 -16.63 -48.80 23.85
N GLN B 62 -16.62 -47.78 24.70
CA GLN B 62 -17.17 -47.90 26.03
C GLN B 62 -18.69 -47.99 25.96
N LEU B 63 -19.31 -47.14 25.12
CA LEU B 63 -20.74 -47.15 24.92
C LEU B 63 -21.21 -48.47 24.32
N GLU B 64 -20.42 -49.03 23.41
CA GLU B 64 -20.80 -50.29 22.81
C GLU B 64 -20.74 -51.43 23.83
N ALA B 65 -19.78 -51.38 24.75
CA ALA B 65 -19.71 -52.39 25.79
C ALA B 65 -20.85 -52.23 26.80
N GLU B 66 -21.16 -50.99 27.17
CA GLU B 66 -22.27 -50.72 28.09
C GLU B 66 -23.58 -51.17 27.48
N LYS B 67 -23.77 -50.86 26.20
CA LYS B 67 -24.95 -51.31 25.46
C LYS B 67 -25.10 -52.83 25.49
N MET B 68 -24.00 -53.55 25.29
CA MET B 68 -24.01 -55.01 25.40
C MET B 68 -24.47 -55.47 26.80
N GLU B 69 -23.95 -54.81 27.83
CA GLU B 69 -24.29 -55.12 29.21
C GLU B 69 -25.79 -54.98 29.43
N LEU B 70 -26.33 -53.84 29.02
CA LEU B 70 -27.74 -53.54 29.23
C LEU B 70 -28.60 -54.51 28.45
N GLN B 71 -28.15 -54.88 27.26
CA GLN B 71 -28.90 -55.83 26.46
C GLN B 71 -29.02 -57.17 27.18
N SER B 72 -27.94 -57.61 27.82
CA SER B 72 -27.96 -58.84 28.59
C SER B 72 -28.84 -58.68 29.82
N ALA B 73 -28.68 -57.55 30.50
CA ALA B 73 -29.45 -57.24 31.70
C ALA B 73 -30.95 -57.16 31.42
N LEU B 74 -31.29 -56.54 30.31
CA LEU B 74 -32.66 -56.48 29.84
C LEU B 74 -33.21 -57.88 29.59
N GLU B 75 -32.47 -58.71 28.86
CA GLU B 75 -32.92 -60.08 28.60
C GLU B 75 -33.21 -60.86 29.87
N GLU B 76 -32.41 -60.64 30.91
CA GLU B 76 -32.57 -61.37 32.16
C GLU B 76 -33.88 -60.96 32.81
N ALA B 77 -34.09 -59.65 32.88
CA ALA B 77 -35.29 -59.08 33.48
C ALA B 77 -36.54 -59.51 32.74
N GLU B 78 -36.49 -59.52 31.40
CA GLU B 78 -37.64 -59.97 30.62
C GLU B 78 -37.98 -61.44 30.95
N ALA B 79 -36.95 -62.24 31.18
CA ALA B 79 -37.15 -63.66 31.53
C ALA B 79 -37.77 -63.79 32.92
N SER B 80 -37.22 -63.05 33.90
CA SER B 80 -37.76 -63.08 35.24
C SER B 80 -39.21 -62.66 35.20
N LEU B 81 -39.52 -61.70 34.33
CA LEU B 81 -40.88 -61.20 34.22
C LEU B 81 -41.84 -62.26 33.67
N GLU B 82 -41.46 -62.92 32.59
CA GLU B 82 -42.39 -63.85 31.96
C GLU B 82 -42.61 -65.10 32.84
N HIS B 83 -41.62 -65.43 33.67
CA HIS B 83 -41.75 -66.50 34.66
C HIS B 83 -42.81 -66.13 35.70
N GLU B 84 -42.68 -64.94 36.29
CA GLU B 84 -43.58 -64.47 37.30
C GLU B 84 -45.02 -64.33 36.77
N GLU B 85 -45.15 -63.95 35.50
CA GLU B 85 -46.45 -63.76 34.88
C GLU B 85 -47.26 -65.05 34.71
N GLY B 86 -46.58 -66.19 34.75
CA GLY B 86 -47.23 -67.48 34.61
C GLY B 86 -47.58 -68.15 35.92
N LYS B 87 -47.11 -67.62 37.06
CA LYS B 87 -47.32 -68.26 38.35
C LYS B 87 -48.80 -68.45 38.68
N ILE B 88 -49.61 -67.42 38.44
CA ILE B 88 -51.04 -67.52 38.74
C ILE B 88 -51.68 -68.58 37.86
N LEU B 89 -51.28 -68.63 36.59
CA LEU B 89 -51.82 -69.64 35.68
C LEU B 89 -51.39 -71.05 36.09
N ARG B 90 -50.16 -71.18 36.58
CA ARG B 90 -49.68 -72.48 37.05
C ARG B 90 -50.51 -72.90 38.27
N ALA B 91 -50.85 -71.94 39.13
CA ALA B 91 -51.66 -72.23 40.30
C ALA B 91 -53.03 -72.68 39.87
N GLN B 92 -53.63 -71.94 38.92
CA GLN B 92 -54.96 -72.28 38.42
C GLN B 92 -54.98 -73.68 37.83
N LEU B 93 -53.92 -74.05 37.12
CA LEU B 93 -53.82 -75.41 36.58
C LEU B 93 -53.88 -76.46 37.70
N GLU B 94 -53.05 -76.29 38.73
CA GLU B 94 -53.03 -77.24 39.84
C GLU B 94 -54.38 -77.29 40.56
N PHE B 95 -55.04 -76.14 40.66
CA PHE B 95 -56.35 -76.08 41.34
C PHE B 95 -57.35 -76.97 40.61
N ASN B 96 -57.41 -76.85 39.29
CA ASN B 96 -58.33 -77.64 38.50
C ASN B 96 -57.98 -79.13 38.51
N GLN B 97 -56.70 -79.48 38.51
CA GLN B 97 -56.29 -80.88 38.58
C GLN B 97 -56.75 -81.49 39.90
N ILE B 98 -56.52 -80.74 40.98
CA ILE B 98 -56.98 -81.14 42.31
C ILE B 98 -58.51 -81.30 42.40
N LYS B 99 -59.24 -80.30 41.92
CA LYS B 99 -60.70 -80.34 41.87
C LYS B 99 -61.24 -81.56 41.11
N ALA B 100 -60.57 -81.95 40.03
CA ALA B 100 -61.04 -83.08 39.21
C ALA B 100 -60.71 -84.48 39.77
N GLU B 101 -59.88 -84.56 40.80
CA GLU B 101 -59.50 -85.85 41.35
C GLU B 101 -60.42 -86.29 42.50
N GLY C 4 -2.57 -9.02 -19.63
CA GLY C 4 -1.89 -9.88 -18.67
C GLY C 4 -1.31 -11.16 -19.23
N PRO C 5 -2.05 -12.27 -19.11
CA PRO C 5 -1.58 -13.63 -19.47
C PRO C 5 -1.25 -13.79 -20.95
N LEU C 6 -0.30 -14.65 -21.30
CA LEU C 6 0.06 -14.90 -22.71
C LEU C 6 -1.14 -15.36 -23.56
N LYS C 7 -1.17 -14.93 -24.82
CA LYS C 7 -2.16 -15.42 -25.78
C LYS C 7 -1.84 -16.86 -26.04
N PRO C 8 -2.86 -17.69 -26.34
CA PRO C 8 -2.58 -19.10 -26.65
C PRO C 8 -1.49 -19.29 -27.72
N GLU C 9 -1.43 -18.41 -28.72
CA GLU C 9 -0.40 -18.57 -29.77
C GLU C 9 1.00 -18.24 -29.26
N GLU C 10 1.08 -17.32 -28.29
CA GLU C 10 2.37 -17.00 -27.68
C GLU C 10 2.81 -18.17 -26.81
N HIS C 11 1.87 -18.74 -26.06
CA HIS C 11 2.14 -19.94 -25.26
C HIS C 11 2.58 -21.06 -26.20
N GLU C 12 1.89 -21.17 -27.32
CA GLU C 12 2.13 -22.25 -28.25
C GLU C 12 3.54 -22.16 -28.86
N ASP C 13 4.04 -20.94 -29.06
CA ASP C 13 5.38 -20.75 -29.63
C ASP C 13 6.48 -21.21 -28.65
N ILE C 14 6.24 -21.00 -27.35
CA ILE C 14 7.15 -21.50 -26.33
C ILE C 14 7.21 -23.03 -26.36
N LEU C 15 6.05 -23.66 -26.52
CA LEU C 15 5.99 -25.11 -26.63
C LEU C 15 6.77 -25.57 -27.86
N ASN C 16 6.72 -24.81 -28.95
CA ASN C 16 7.48 -25.19 -30.14
C ASN C 16 8.99 -25.10 -29.88
N LYS C 17 9.41 -24.09 -29.12
CA LYS C 17 10.82 -23.95 -28.76
C LYS C 17 11.28 -25.19 -27.97
N LEU C 18 10.45 -25.55 -26.98
CA LEU C 18 10.70 -26.69 -26.08
C LEU C 18 10.63 -28.05 -26.75
N LEU C 19 10.08 -28.08 -27.96
CA LEU C 19 9.91 -29.33 -28.70
C LEU C 19 11.27 -29.88 -29.15
N ASP C 20 12.21 -28.99 -29.38
CA ASP C 20 13.57 -29.35 -29.78
C ASP C 20 14.45 -29.72 -28.57
N PRO C 21 14.85 -31.00 -28.46
CA PRO C 21 15.78 -31.41 -27.39
C PRO C 21 17.18 -30.84 -27.57
N GLU C 22 17.50 -30.37 -28.79
CA GLU C 22 18.79 -29.79 -29.13
C GLU C 22 18.90 -28.32 -28.69
N LEU C 23 17.83 -27.83 -28.06
CA LEU C 23 17.79 -26.50 -27.46
C LEU C 23 18.86 -26.38 -26.38
N ALA C 24 19.61 -25.28 -26.35
CA ALA C 24 20.59 -25.03 -25.29
C ALA C 24 19.88 -25.00 -23.93
N GLN C 25 20.55 -25.50 -22.90
CA GLN C 25 19.91 -25.68 -21.61
C GLN C 25 19.51 -24.35 -20.97
N SER C 26 20.27 -23.30 -21.21
CA SER C 26 19.92 -21.97 -20.69
C SER C 26 18.57 -21.48 -21.27
N GLU C 27 18.38 -21.73 -22.57
CA GLU C 27 17.16 -21.33 -23.26
C GLU C 27 15.97 -22.19 -22.81
N ARG C 28 16.25 -23.46 -22.53
CA ARG C 28 15.25 -24.39 -22.05
C ARG C 28 14.72 -23.91 -20.68
N THR C 29 15.67 -23.57 -19.81
CA THR C 29 15.38 -23.03 -18.49
C THR C 29 14.59 -21.72 -18.54
N GLU C 30 14.98 -20.81 -19.43
CA GLU C 30 14.28 -19.55 -19.63
C GLU C 30 12.87 -19.79 -20.13
N ALA C 31 12.71 -20.77 -21.02
CA ALA C 31 11.41 -21.03 -21.64
C ALA C 31 10.45 -21.61 -20.59
N LEU C 32 10.94 -22.55 -19.79
CA LEU C 32 10.16 -23.14 -18.73
C LEU C 32 9.77 -22.10 -17.69
N GLN C 33 10.72 -21.24 -17.32
CA GLN C 33 10.45 -20.18 -16.36
C GLN C 33 9.41 -19.17 -16.90
N GLN C 34 9.45 -18.92 -18.21
CA GLN C 34 8.42 -18.14 -18.89
C GLN C 34 7.05 -18.72 -18.65
N LEU C 35 6.92 -20.03 -18.87
CA LEU C 35 5.67 -20.72 -18.65
C LEU C 35 5.28 -20.68 -17.16
N ARG C 36 6.28 -20.83 -16.28
CA ARG C 36 6.05 -20.80 -14.85
C ARG C 36 5.48 -19.46 -14.36
N VAL C 37 6.12 -18.37 -14.74
CA VAL C 37 5.65 -17.07 -14.31
C VAL C 37 4.29 -16.74 -14.93
N ASN C 38 4.11 -17.10 -16.19
CA ASN C 38 2.83 -16.82 -16.83
C ASN C 38 1.66 -17.60 -16.17
N TYR C 39 1.87 -18.87 -15.83
CA TYR C 39 0.80 -19.65 -15.23
C TYR C 39 0.45 -19.12 -13.85
N GLY C 40 1.46 -18.81 -13.05
CA GLY C 40 1.28 -18.22 -11.74
C GLY C 40 0.43 -16.93 -11.79
N SER C 41 0.75 -16.01 -12.70
CA SER C 41 -0.03 -14.76 -12.75
C SER C 41 -1.43 -14.96 -13.33
N PHE C 42 -1.54 -15.91 -14.25
CA PHE C 42 -2.83 -16.29 -14.81
C PHE C 42 -3.72 -16.82 -13.69
N VAL C 43 -3.22 -17.80 -12.95
CA VAL C 43 -4.00 -18.37 -11.86
C VAL C 43 -4.35 -17.31 -10.83
N SER C 44 -3.44 -16.36 -10.60
CA SER C 44 -3.73 -15.29 -9.65
C SER C 44 -4.89 -14.41 -10.15
N GLU C 45 -4.77 -13.96 -11.39
CA GLU C 45 -5.77 -13.14 -12.04
C GLU C 45 -7.13 -13.84 -12.09
N TYR C 46 -7.12 -15.13 -12.40
CA TYR C 46 -8.36 -15.90 -12.44
C TYR C 46 -9.00 -15.99 -11.06
N ASN C 47 -8.18 -16.21 -10.02
CA ASN C 47 -8.69 -16.25 -8.66
C ASN C 47 -9.36 -14.93 -8.27
N ASP C 48 -8.71 -13.82 -8.65
CA ASP C 48 -9.25 -12.49 -8.43
C ASP C 48 -10.58 -12.29 -9.15
N LEU C 49 -10.67 -12.74 -10.40
CA LEU C 49 -11.92 -12.58 -11.15
C LEU C 49 -13.04 -13.39 -10.52
N THR C 50 -12.69 -14.59 -10.07
CA THR C 50 -13.62 -15.49 -9.42
C THR C 50 -14.19 -14.88 -8.15
N LYS C 51 -13.32 -14.31 -7.31
CA LYS C 51 -13.82 -13.64 -6.10
C LYS C 51 -14.68 -12.43 -6.44
N SER C 52 -14.29 -11.69 -7.48
CA SER C 52 -15.01 -10.49 -7.89
C SER C 52 -16.42 -10.87 -8.37
N HIS C 53 -16.49 -11.94 -9.15
CA HIS C 53 -17.75 -12.47 -9.65
C HIS C 53 -18.65 -12.93 -8.51
N GLU C 54 -18.06 -13.58 -7.52
CA GLU C 54 -18.83 -14.05 -6.36
C GLU C 54 -19.39 -12.92 -5.49
N LYS C 55 -18.66 -11.82 -5.39
CA LYS C 55 -19.16 -10.65 -4.66
C LYS C 55 -20.28 -9.96 -5.42
N LEU C 56 -20.18 -9.97 -6.75
CA LEU C 56 -21.19 -9.38 -7.62
C LEU C 56 -22.43 -10.25 -7.60
N GLU C 57 -22.24 -11.56 -7.45
CA GLU C 57 -23.38 -12.45 -7.33
C GLU C 57 -24.12 -12.14 -6.03
N LYS C 58 -23.36 -11.98 -4.94
CA LYS C 58 -23.97 -11.68 -3.65
C LYS C 58 -24.77 -10.38 -3.72
N VAL C 59 -24.22 -9.38 -4.40
CA VAL C 59 -24.86 -8.08 -4.53
C VAL C 59 -26.16 -8.21 -5.31
N ARG C 60 -26.11 -8.98 -6.39
CA ARG C 60 -27.30 -9.24 -7.20
C ARG C 60 -28.43 -9.88 -6.38
N LYS C 61 -28.10 -10.87 -5.56
CA LYS C 61 -29.13 -11.54 -4.74
C LYS C 61 -29.74 -10.57 -3.74
N GLN C 62 -28.91 -9.69 -3.18
CA GLN C 62 -29.41 -8.71 -2.24
C GLN C 62 -30.30 -7.68 -2.90
N LEU C 63 -29.92 -7.20 -4.08
CA LEU C 63 -30.74 -6.24 -4.80
C LEU C 63 -32.06 -6.90 -5.17
N GLU C 64 -31.98 -8.19 -5.49
CA GLU C 64 -33.15 -8.97 -5.86
C GLU C 64 -34.13 -9.00 -4.69
N ALA C 65 -33.63 -9.34 -3.51
CA ALA C 65 -34.43 -9.39 -2.28
C ALA C 65 -35.04 -8.04 -1.95
N GLU C 66 -34.25 -6.98 -2.10
CA GLU C 66 -34.70 -5.64 -1.73
C GLU C 66 -35.80 -5.16 -2.67
N LYS C 67 -35.64 -5.46 -3.95
CA LYS C 67 -36.66 -5.13 -4.93
C LYS C 67 -37.98 -5.85 -4.61
N MET C 68 -37.89 -7.14 -4.23
CA MET C 68 -39.07 -7.93 -3.90
C MET C 68 -39.81 -7.41 -2.65
N GLU C 69 -39.04 -6.96 -1.66
CA GLU C 69 -39.59 -6.37 -0.45
C GLU C 69 -40.25 -5.02 -0.77
N LEU C 70 -39.67 -4.27 -1.70
CA LEU C 70 -40.21 -3.00 -2.13
C LEU C 70 -41.51 -3.20 -2.88
N GLN C 71 -41.58 -4.25 -3.69
CA GLN C 71 -42.78 -4.53 -4.47
C GLN C 71 -43.92 -4.89 -3.51
N SER C 72 -43.58 -5.64 -2.46
CA SER C 72 -44.54 -6.02 -1.41
C SER C 72 -45.07 -4.83 -0.64
N ALA C 73 -44.16 -3.93 -0.27
CA ALA C 73 -44.53 -2.70 0.42
C ALA C 73 -45.48 -1.89 -0.46
N LEU C 74 -45.17 -1.82 -1.75
CA LEU C 74 -46.03 -1.13 -2.71
C LEU C 74 -47.43 -1.75 -2.74
N GLU C 75 -47.49 -3.07 -2.88
CA GLU C 75 -48.77 -3.76 -2.95
C GLU C 75 -49.54 -3.61 -1.63
N GLU C 76 -48.81 -3.54 -0.52
CA GLU C 76 -49.40 -3.37 0.80
C GLU C 76 -50.03 -1.98 0.93
N ALA C 77 -49.37 -0.97 0.39
CA ALA C 77 -49.88 0.39 0.45
C ALA C 77 -51.08 0.58 -0.49
N GLU C 78 -51.04 -0.11 -1.63
CA GLU C 78 -52.15 -0.08 -2.58
C GLU C 78 -53.37 -0.79 -2.00
N ALA C 79 -53.14 -1.88 -1.27
CA ALA C 79 -54.22 -2.61 -0.61
C ALA C 79 -54.84 -1.79 0.51
N SER C 80 -54.01 -1.09 1.29
CA SER C 80 -54.50 -0.26 2.38
C SER C 80 -55.31 0.91 1.83
N LEU C 81 -54.90 1.45 0.69
CA LEU C 81 -55.64 2.53 0.06
C LEU C 81 -57.05 2.03 -0.29
N GLU C 82 -57.12 0.83 -0.84
CA GLU C 82 -58.41 0.22 -1.20
C GLU C 82 -59.23 0.01 0.07
N HIS C 83 -58.56 -0.40 1.16
CA HIS C 83 -59.24 -0.57 2.45
C HIS C 83 -59.79 0.77 2.95
N GLU C 84 -59.00 1.83 2.86
CA GLU C 84 -59.44 3.15 3.32
C GLU C 84 -60.62 3.66 2.49
N GLU C 85 -60.57 3.39 1.19
CA GLU C 85 -61.68 3.70 0.30
C GLU C 85 -62.93 2.92 0.73
N GLY C 86 -62.72 1.67 1.16
CA GLY C 86 -63.81 0.82 1.63
C GLY C 86 -64.53 1.43 2.83
N LYS C 87 -63.74 1.90 3.81
CA LYS C 87 -64.29 2.51 5.03
C LYS C 87 -65.14 3.73 4.69
N ILE C 88 -64.67 4.53 3.74
CA ILE C 88 -65.34 5.74 3.32
C ILE C 88 -66.70 5.39 2.72
N LEU C 89 -66.71 4.32 1.94
CA LEU C 89 -67.93 3.80 1.36
C LEU C 89 -68.90 3.37 2.47
N ARG C 90 -68.39 2.72 3.52
CA ARG C 90 -69.21 2.29 4.65
C ARG C 90 -69.73 3.48 5.45
N ALA C 91 -68.94 4.54 5.50
CA ALA C 91 -69.38 5.73 6.23
C ALA C 91 -70.57 6.34 5.52
N GLN C 92 -70.52 6.36 4.20
CA GLN C 92 -71.65 6.88 3.42
C GLN C 92 -72.87 5.98 3.61
N LEU C 93 -72.64 4.67 3.68
CA LEU C 93 -73.75 3.74 3.89
C LEU C 93 -74.44 4.03 5.22
N GLU C 94 -73.67 4.28 6.28
CA GLU C 94 -74.25 4.59 7.58
C GLU C 94 -74.98 5.93 7.49
N PHE C 95 -74.40 6.89 6.76
CA PHE C 95 -75.05 8.20 6.60
C PHE C 95 -76.40 8.01 5.88
N ASN C 96 -76.39 7.15 4.87
CA ASN C 96 -77.57 6.87 4.05
C ASN C 96 -78.68 6.35 4.95
N GLN C 97 -78.32 5.44 5.87
CA GLN C 97 -79.27 4.85 6.80
C GLN C 97 -79.95 5.91 7.64
N ILE C 98 -79.15 6.82 8.18
CA ILE C 98 -79.65 7.86 9.08
C ILE C 98 -80.50 8.88 8.33
N LYS C 99 -80.02 9.23 7.14
CA LYS C 99 -80.63 10.23 6.27
C LYS C 99 -82.02 9.89 5.82
N ALA C 100 -82.22 8.61 5.50
CA ALA C 100 -83.41 8.18 4.78
C ALA C 100 -84.61 7.96 5.71
N GLU C 101 -84.40 8.11 7.01
CA GLU C 101 -85.42 7.87 8.04
C GLU C 101 -86.58 8.85 7.96
N GLY D 4 -11.35 -28.88 -13.55
CA GLY D 4 -10.94 -28.49 -14.89
C GLY D 4 -9.43 -28.36 -15.04
N PRO D 5 -8.92 -27.12 -14.96
CA PRO D 5 -7.52 -26.79 -15.28
C PRO D 5 -6.51 -27.36 -14.29
N LEU D 6 -5.32 -27.73 -14.79
CA LEU D 6 -4.25 -28.22 -13.93
C LEU D 6 -4.07 -27.31 -12.71
N LYS D 7 -3.90 -27.94 -11.55
CA LYS D 7 -3.49 -27.21 -10.35
C LYS D 7 -2.06 -26.76 -10.58
N PRO D 8 -1.64 -25.65 -9.94
CA PRO D 8 -0.26 -25.12 -9.97
C PRO D 8 0.79 -26.22 -9.75
N GLU D 9 0.50 -27.07 -8.78
CA GLU D 9 1.36 -28.18 -8.40
C GLU D 9 1.62 -29.14 -9.57
N GLU D 10 0.57 -29.50 -10.27
CA GLU D 10 0.66 -30.36 -11.46
C GLU D 10 1.33 -29.63 -12.62
N HIS D 11 1.02 -28.35 -12.80
CA HIS D 11 1.68 -27.60 -13.87
C HIS D 11 3.20 -27.57 -13.62
N GLU D 12 3.59 -27.20 -12.39
CA GLU D 12 5.00 -27.15 -12.01
C GLU D 12 5.72 -28.51 -12.22
N ASP D 13 5.05 -29.63 -11.89
CA ASP D 13 5.65 -30.97 -12.10
C ASP D 13 5.89 -31.27 -13.58
N ILE D 14 5.00 -30.79 -14.44
CA ILE D 14 5.21 -30.98 -15.88
C ILE D 14 6.43 -30.19 -16.33
N LEU D 15 6.55 -28.93 -15.88
CA LEU D 15 7.73 -28.14 -16.16
C LEU D 15 9.01 -28.86 -15.71
N ASN D 16 8.97 -29.47 -14.53
CA ASN D 16 10.09 -30.22 -13.99
C ASN D 16 10.46 -31.42 -14.86
N LYS D 17 9.45 -32.16 -15.32
CA LYS D 17 9.68 -33.24 -16.30
C LYS D 17 10.42 -32.71 -17.53
N LEU D 18 9.99 -31.55 -18.00
CA LEU D 18 10.50 -30.98 -19.26
C LEU D 18 11.91 -30.38 -19.13
N LEU D 19 12.40 -30.19 -17.91
CA LEU D 19 13.74 -29.60 -17.72
C LEU D 19 14.85 -30.57 -18.17
N ASP D 20 14.57 -31.86 -18.07
CA ASP D 20 15.53 -32.89 -18.41
C ASP D 20 15.56 -33.15 -19.92
N PRO D 21 16.66 -32.77 -20.59
CA PRO D 21 16.79 -32.95 -22.04
C PRO D 21 16.83 -34.43 -22.45
N GLU D 22 17.13 -35.32 -21.49
CA GLU D 22 17.16 -36.74 -21.78
C GLU D 22 15.77 -37.38 -21.65
N LEU D 23 14.77 -36.57 -21.31
CA LEU D 23 13.39 -37.06 -21.27
C LEU D 23 13.07 -37.79 -22.57
N ALA D 24 12.44 -38.96 -22.47
CA ALA D 24 11.97 -39.66 -23.66
C ALA D 24 11.09 -38.74 -24.50
N GLN D 25 11.28 -38.80 -25.80
CA GLN D 25 10.65 -37.87 -26.73
C GLN D 25 9.14 -37.98 -26.72
N SER D 26 8.62 -39.19 -26.57
CA SER D 26 7.20 -39.43 -26.41
C SER D 26 6.68 -38.78 -25.12
N GLU D 27 7.45 -38.85 -24.03
CA GLU D 27 7.01 -38.24 -22.79
C GLU D 27 7.07 -36.73 -22.93
N ARG D 28 8.06 -36.24 -23.68
CA ARG D 28 8.19 -34.82 -23.94
C ARG D 28 6.97 -34.29 -24.70
N THR D 29 6.58 -34.99 -25.77
CA THR D 29 5.46 -34.53 -26.57
C THR D 29 4.11 -34.70 -25.82
N GLU D 30 4.01 -35.71 -24.94
CA GLU D 30 2.82 -35.85 -24.09
C GLU D 30 2.71 -34.68 -23.12
N ALA D 31 3.81 -34.38 -22.42
CA ALA D 31 3.86 -33.27 -21.48
C ALA D 31 3.47 -31.95 -22.15
N LEU D 32 3.96 -31.73 -23.36
CA LEU D 32 3.72 -30.47 -24.05
C LEU D 32 2.26 -30.37 -24.46
N GLN D 33 1.70 -31.50 -24.87
CA GLN D 33 0.29 -31.55 -25.26
C GLN D 33 -0.62 -31.31 -24.04
N GLN D 34 -0.23 -31.82 -22.88
CA GLN D 34 -0.98 -31.52 -21.64
C GLN D 34 -1.05 -30.02 -21.40
N LEU D 35 0.08 -29.35 -21.57
CA LEU D 35 0.16 -27.92 -21.32
C LEU D 35 -0.72 -27.19 -22.33
N ARG D 36 -0.68 -27.65 -23.58
CA ARG D 36 -1.39 -27.02 -24.67
C ARG D 36 -2.91 -27.11 -24.43
N VAL D 37 -3.40 -28.32 -24.17
CA VAL D 37 -4.83 -28.51 -24.02
C VAL D 37 -5.29 -27.76 -22.77
N ASN D 38 -4.51 -27.85 -21.68
CA ASN D 38 -4.81 -27.10 -20.47
C ASN D 38 -4.90 -25.60 -20.72
N TYR D 39 -3.92 -25.05 -21.42
CA TYR D 39 -3.90 -23.60 -21.61
C TYR D 39 -5.11 -23.14 -22.41
N GLY D 40 -5.50 -23.91 -23.44
CA GLY D 40 -6.68 -23.56 -24.22
C GLY D 40 -7.96 -23.54 -23.39
N SER D 41 -8.11 -24.55 -22.54
CA SER D 41 -9.31 -24.67 -21.68
C SER D 41 -9.37 -23.55 -20.66
N PHE D 42 -8.22 -23.26 -20.07
CA PHE D 42 -8.08 -22.21 -19.07
C PHE D 42 -8.38 -20.84 -19.68
N VAL D 43 -7.86 -20.57 -20.87
CA VAL D 43 -8.10 -19.28 -21.50
C VAL D 43 -9.59 -19.14 -21.81
N SER D 44 -10.21 -20.22 -22.27
CA SER D 44 -11.64 -20.23 -22.57
C SER D 44 -12.51 -20.04 -21.32
N GLU D 45 -12.10 -20.65 -20.21
CA GLU D 45 -12.78 -20.49 -18.93
C GLU D 45 -12.69 -19.05 -18.46
N TYR D 46 -11.52 -18.46 -18.65
CA TYR D 46 -11.27 -17.09 -18.25
C TYR D 46 -12.15 -16.10 -19.03
N ASN D 47 -12.28 -16.36 -20.33
CA ASN D 47 -13.03 -15.47 -21.22
C ASN D 47 -14.51 -15.57 -20.91
N ASP D 48 -14.98 -16.77 -20.59
CA ASP D 48 -16.38 -17.01 -20.24
C ASP D 48 -16.70 -16.31 -18.94
N LEU D 49 -15.78 -16.41 -17.99
CA LEU D 49 -15.99 -15.83 -16.69
C LEU D 49 -15.96 -14.31 -16.81
N THR D 50 -15.12 -13.79 -17.71
CA THR D 50 -15.07 -12.34 -17.91
C THR D 50 -16.40 -11.84 -18.47
N LYS D 51 -16.98 -12.60 -19.38
CA LYS D 51 -18.21 -12.15 -20.03
C LYS D 51 -19.38 -12.25 -19.06
N SER D 52 -19.37 -13.30 -18.24
CA SER D 52 -20.39 -13.47 -17.21
C SER D 52 -20.33 -12.30 -16.23
N HIS D 53 -19.12 -11.96 -15.82
CA HIS D 53 -18.90 -10.80 -14.95
C HIS D 53 -19.44 -9.46 -15.54
N GLU D 54 -19.20 -9.22 -16.82
CA GLU D 54 -19.71 -7.98 -17.46
C GLU D 54 -21.24 -7.98 -17.51
N LYS D 55 -21.82 -9.14 -17.78
CA LYS D 55 -23.27 -9.25 -17.81
C LYS D 55 -23.83 -8.98 -16.41
N LEU D 56 -23.13 -9.52 -15.42
CA LEU D 56 -23.56 -9.36 -14.03
C LEU D 56 -23.46 -7.88 -13.65
N GLU D 57 -22.44 -7.18 -14.16
CA GLU D 57 -22.34 -5.73 -13.95
C GLU D 57 -23.57 -5.01 -14.49
N LYS D 58 -24.03 -5.40 -15.68
CA LYS D 58 -25.20 -4.76 -16.26
C LYS D 58 -26.45 -5.08 -15.42
N VAL D 59 -26.58 -6.33 -14.98
CA VAL D 59 -27.71 -6.73 -14.11
C VAL D 59 -27.75 -5.86 -12.86
N ARG D 60 -26.61 -5.70 -12.20
CA ARG D 60 -26.53 -4.84 -11.03
C ARG D 60 -27.02 -3.41 -11.29
N LYS D 61 -26.53 -2.78 -12.36
CA LYS D 61 -26.95 -1.41 -12.68
C LYS D 61 -28.46 -1.33 -12.91
N GLN D 62 -29.00 -2.33 -13.60
CA GLN D 62 -30.43 -2.35 -13.89
C GLN D 62 -31.27 -2.52 -12.62
N LEU D 63 -30.84 -3.39 -11.71
CA LEU D 63 -31.58 -3.58 -10.45
C LEU D 63 -31.51 -2.30 -9.60
N GLU D 64 -30.38 -1.63 -9.60
CA GLU D 64 -30.26 -0.35 -8.91
C GLU D 64 -31.29 0.66 -9.42
N ALA D 65 -31.50 0.70 -10.74
CA ALA D 65 -32.46 1.64 -11.32
C ALA D 65 -33.89 1.26 -10.95
N GLU D 66 -34.21 -0.02 -11.04
CA GLU D 66 -35.55 -0.49 -10.71
C GLU D 66 -35.88 -0.26 -9.23
N LYS D 67 -34.91 -0.50 -8.37
CA LYS D 67 -35.04 -0.20 -6.96
C LYS D 67 -35.43 1.27 -6.75
N MET D 68 -34.77 2.18 -7.45
CA MET D 68 -35.08 3.61 -7.31
C MET D 68 -36.48 3.99 -7.83
N GLU D 69 -36.90 3.40 -8.95
CA GLU D 69 -38.23 3.67 -9.48
C GLU D 69 -39.28 3.12 -8.49
N LEU D 70 -39.05 1.93 -7.94
CA LEU D 70 -39.97 1.36 -6.95
C LEU D 70 -40.05 2.19 -5.68
N GLN D 71 -38.90 2.64 -5.18
CA GLN D 71 -38.87 3.50 -4.00
C GLN D 71 -39.70 4.76 -4.23
N SER D 72 -39.60 5.28 -5.45
CA SER D 72 -40.37 6.45 -5.86
C SER D 72 -41.88 6.12 -5.89
N ALA D 73 -42.21 4.98 -6.47
CA ALA D 73 -43.59 4.52 -6.56
C ALA D 73 -44.20 4.28 -5.17
N LEU D 74 -43.40 3.74 -4.25
CA LEU D 74 -43.91 3.49 -2.92
C LEU D 74 -44.19 4.79 -2.16
N GLU D 75 -43.32 5.79 -2.29
CA GLU D 75 -43.54 7.06 -1.61
C GLU D 75 -44.86 7.67 -2.07
N GLU D 76 -45.10 7.62 -3.38
CA GLU D 76 -46.33 8.19 -3.94
C GLU D 76 -47.56 7.45 -3.42
N ALA D 77 -47.43 6.13 -3.24
CA ALA D 77 -48.54 5.31 -2.76
C ALA D 77 -48.78 5.57 -1.30
N GLU D 78 -47.71 5.60 -0.52
CA GLU D 78 -47.80 5.97 0.89
C GLU D 78 -48.45 7.36 1.05
N ALA D 79 -48.18 8.26 0.12
CA ALA D 79 -48.73 9.61 0.21
C ALA D 79 -50.24 9.60 -0.09
N SER D 80 -50.64 8.84 -1.11
CA SER D 80 -52.07 8.69 -1.42
C SER D 80 -52.79 8.05 -0.24
N LEU D 81 -52.15 7.04 0.36
CA LEU D 81 -52.73 6.41 1.54
C LEU D 81 -52.94 7.40 2.67
N GLU D 82 -51.92 8.18 3.02
CA GLU D 82 -52.04 9.08 4.16
C GLU D 82 -53.12 10.14 3.95
N HIS D 83 -53.30 10.55 2.71
CA HIS D 83 -54.35 11.51 2.36
C HIS D 83 -55.74 10.89 2.53
N GLU D 84 -55.91 9.68 2.01
CA GLU D 84 -57.17 9.00 2.10
C GLU D 84 -57.59 8.72 3.55
N GLU D 85 -56.58 8.43 4.39
CA GLU D 85 -56.78 8.09 5.80
C GLU D 85 -57.33 9.24 6.64
N GLY D 86 -57.11 10.47 6.18
CA GLY D 86 -57.58 11.64 6.90
C GLY D 86 -58.98 12.09 6.47
N LYS D 87 -59.57 11.40 5.51
CA LYS D 87 -60.83 11.87 4.93
C LYS D 87 -62.03 11.78 5.90
N ILE D 88 -62.25 10.64 6.55
CA ILE D 88 -63.39 10.52 7.48
C ILE D 88 -63.28 11.52 8.64
N LEU D 89 -62.06 11.73 9.14
CA LEU D 89 -61.81 12.74 10.18
C LEU D 89 -62.15 14.15 9.69
N ARG D 90 -61.85 14.45 8.44
CA ARG D 90 -62.18 15.79 7.94
C ARG D 90 -63.69 15.95 7.70
N ALA D 91 -64.37 14.88 7.30
CA ALA D 91 -65.84 14.87 7.19
C ALA D 91 -66.51 15.11 8.55
N GLN D 92 -66.06 14.38 9.55
CA GLN D 92 -66.51 14.53 10.92
C GLN D 92 -66.41 15.97 11.43
N LEU D 93 -65.28 16.61 11.15
CA LEU D 93 -65.07 17.99 11.55
C LEU D 93 -66.04 18.93 10.83
N GLU D 94 -66.23 18.74 9.53
CA GLU D 94 -67.19 19.56 8.79
C GLU D 94 -68.61 19.39 9.29
N PHE D 95 -68.98 18.16 9.61
CA PHE D 95 -70.31 17.87 10.15
C PHE D 95 -70.53 18.60 11.47
N ASN D 96 -69.47 18.67 12.28
CA ASN D 96 -69.52 19.34 13.57
C ASN D 96 -69.74 20.86 13.41
N GLN D 97 -69.09 21.49 12.44
CA GLN D 97 -69.35 22.91 12.17
C GLN D 97 -70.75 23.14 11.62
N ILE D 98 -71.16 22.31 10.67
CA ILE D 98 -72.46 22.48 10.06
C ILE D 98 -73.59 22.33 11.09
N LYS D 99 -73.51 21.33 11.98
CA LYS D 99 -74.66 21.02 12.83
C LYS D 99 -74.90 22.14 13.84
N ALA D 100 -73.87 22.93 14.08
CA ALA D 100 -73.98 24.12 14.94
C ALA D 100 -74.73 25.29 14.28
N GLU D 101 -74.70 25.36 12.94
CA GLU D 101 -75.39 26.43 12.19
C GLU D 101 -76.87 26.62 12.58
N GLY E 4 8.82 25.01 13.82
CA GLY E 4 8.68 23.71 14.44
C GLY E 4 7.33 23.51 15.11
N PRO E 5 7.13 22.34 15.74
CA PRO E 5 5.90 22.09 16.53
C PRO E 5 5.89 22.89 17.84
N LEU E 6 4.74 23.00 18.48
CA LEU E 6 4.67 23.75 19.72
C LEU E 6 5.51 23.07 20.80
N LYS E 7 6.27 23.86 21.57
CA LYS E 7 6.96 23.32 22.72
C LYS E 7 5.89 22.81 23.69
N PRO E 8 6.22 21.80 24.49
CA PRO E 8 5.26 21.26 25.46
C PRO E 8 4.65 22.36 26.34
N GLU E 9 5.44 23.39 26.63
CA GLU E 9 4.98 24.49 27.49
C GLU E 9 3.95 25.35 26.76
N GLU E 10 4.12 25.49 25.44
CA GLU E 10 3.17 26.24 24.60
C GLU E 10 1.85 25.49 24.43
N HIS E 11 1.98 24.18 24.21
CA HIS E 11 0.83 23.27 24.18
C HIS E 11 0.08 23.38 25.50
N GLU E 12 0.82 23.22 26.61
CA GLU E 12 0.20 23.27 27.95
C GLU E 12 -0.52 24.59 28.23
N ASP E 13 0.08 25.71 27.81
CA ASP E 13 -0.56 27.02 27.95
C ASP E 13 -1.96 27.04 27.31
N ILE E 14 -2.08 26.44 26.12
CA ILE E 14 -3.36 26.39 25.42
C ILE E 14 -4.39 25.52 26.14
N LEU E 15 -3.93 24.37 26.64
CA LEU E 15 -4.78 23.43 27.35
C LEU E 15 -5.36 24.09 28.61
N ASN E 16 -4.53 24.83 29.32
CA ASN E 16 -4.98 25.50 30.55
C ASN E 16 -5.93 26.64 30.28
N LYS E 17 -5.86 27.22 29.09
CA LYS E 17 -6.84 28.22 28.66
C LYS E 17 -8.18 27.53 28.40
N LEU E 18 -8.12 26.38 27.74
CA LEU E 18 -9.32 25.60 27.41
C LEU E 18 -9.99 25.00 28.65
N LEU E 19 -9.23 24.85 29.73
CA LEU E 19 -9.76 24.31 30.99
C LEU E 19 -10.88 25.17 31.60
N ASP E 20 -10.81 26.48 31.35
CA ASP E 20 -11.73 27.46 31.95
C ASP E 20 -13.15 27.30 31.37
N PRO E 21 -14.13 26.93 32.22
CA PRO E 21 -15.52 26.80 31.75
C PRO E 21 -16.06 28.11 31.20
N GLU E 22 -15.51 29.22 31.67
CA GLU E 22 -15.99 30.56 31.32
C GLU E 22 -15.31 31.16 30.10
N LEU E 23 -14.47 30.37 29.42
CA LEU E 23 -13.77 30.88 28.25
C LEU E 23 -14.78 31.25 27.13
N ALA E 24 -14.61 32.44 26.55
CA ALA E 24 -15.45 32.90 25.46
C ALA E 24 -15.36 31.97 24.27
N GLN E 25 -16.50 31.65 23.65
CA GLN E 25 -16.56 30.65 22.58
C GLN E 25 -15.55 30.92 21.47
N SER E 26 -15.45 32.19 21.07
CA SER E 26 -14.53 32.57 20.02
C SER E 26 -13.09 32.23 20.43
N GLU E 27 -12.73 32.46 21.69
CA GLU E 27 -11.40 32.10 22.19
C GLU E 27 -11.22 30.58 22.29
N ARG E 28 -12.33 29.87 22.52
CA ARG E 28 -12.32 28.41 22.57
C ARG E 28 -12.03 27.83 21.18
N THR E 29 -12.74 28.32 20.17
CA THR E 29 -12.53 27.88 18.79
C THR E 29 -11.11 28.18 18.29
N GLU E 30 -10.61 29.38 18.56
CA GLU E 30 -9.23 29.74 18.17
C GLU E 30 -8.21 28.82 18.85
N ALA E 31 -8.41 28.56 20.14
CA ALA E 31 -7.46 27.71 20.86
C ALA E 31 -7.45 26.31 20.24
N LEU E 32 -8.62 25.75 19.98
CA LEU E 32 -8.71 24.42 19.38
C LEU E 32 -8.11 24.38 17.97
N GLN E 33 -8.36 25.45 17.21
CA GLN E 33 -7.79 25.54 15.86
C GLN E 33 -6.26 25.55 15.91
N GLN E 34 -5.69 26.28 16.86
CA GLN E 34 -4.25 26.25 17.09
C GLN E 34 -3.72 24.83 17.29
N LEU E 35 -4.43 24.05 18.09
CA LEU E 35 -4.05 22.66 18.35
C LEU E 35 -4.17 21.84 17.07
N ARG E 36 -5.22 22.10 16.30
CA ARG E 36 -5.44 21.37 15.04
C ARG E 36 -4.33 21.69 14.01
N VAL E 37 -4.01 22.97 13.84
CA VAL E 37 -2.96 23.39 12.89
C VAL E 37 -1.64 22.75 13.32
N ASN E 38 -1.34 22.85 14.61
CA ASN E 38 -0.10 22.31 15.13
C ASN E 38 -0.02 20.81 14.90
N TYR E 39 -1.13 20.10 15.11
CA TYR E 39 -1.08 18.64 15.11
C TYR E 39 -0.92 18.13 13.68
N GLY E 40 -1.47 18.87 12.73
CA GLY E 40 -1.36 18.45 11.34
C GLY E 40 0.08 18.68 10.89
N SER E 41 0.63 19.82 11.29
CA SER E 41 2.01 20.17 10.96
C SER E 41 2.98 19.17 11.62
N PHE E 42 2.71 18.85 12.88
CA PHE E 42 3.55 17.96 13.67
C PHE E 42 3.54 16.54 13.09
N VAL E 43 2.33 16.03 12.80
CA VAL E 43 2.21 14.67 12.25
C VAL E 43 3.02 14.52 10.94
N SER E 44 2.95 15.50 10.05
CA SER E 44 3.60 15.33 8.73
C SER E 44 5.12 15.45 8.86
N GLU E 45 5.57 16.35 9.72
CA GLU E 45 7.00 16.46 10.05
C GLU E 45 7.52 15.13 10.58
N TYR E 46 6.79 14.55 11.54
CA TYR E 46 7.12 13.24 12.09
C TYR E 46 7.19 12.14 11.01
N ASN E 47 6.17 12.10 10.14
CA ASN E 47 6.15 11.10 9.07
C ASN E 47 7.32 11.30 8.11
N ASP E 48 7.63 12.55 7.79
CA ASP E 48 8.77 12.88 6.93
C ASP E 48 10.08 12.38 7.53
N LEU E 49 10.28 12.65 8.81
CA LEU E 49 11.49 12.28 9.52
C LEU E 49 11.62 10.77 9.54
N THR E 50 10.51 10.08 9.77
CA THR E 50 10.50 8.62 9.73
C THR E 50 10.99 8.12 8.37
N LYS E 51 10.59 8.80 7.30
CA LYS E 51 11.00 8.39 5.95
C LYS E 51 12.48 8.63 5.70
N SER E 52 12.99 9.78 6.16
CA SER E 52 14.41 10.10 6.01
C SER E 52 15.28 9.08 6.73
N HIS E 53 14.85 8.73 7.93
CA HIS E 53 15.54 7.79 8.77
C HIS E 53 15.64 6.42 8.11
N GLU E 54 14.59 6.03 7.40
CA GLU E 54 14.58 4.73 6.76
C GLU E 54 15.44 4.77 5.51
N LYS E 55 15.46 5.92 4.85
CA LYS E 55 16.33 6.10 3.70
C LYS E 55 17.78 6.15 4.14
N LEU E 56 18.02 6.74 5.32
CA LEU E 56 19.37 6.88 5.84
C LEU E 56 19.89 5.55 6.36
N GLU E 57 19.00 4.75 6.95
CA GLU E 57 19.38 3.43 7.42
C GLU E 57 19.79 2.51 6.27
N LYS E 58 19.14 2.65 5.12
CA LYS E 58 19.48 1.86 3.94
C LYS E 58 20.84 2.27 3.40
N VAL E 59 21.07 3.58 3.39
CA VAL E 59 22.33 4.15 2.94
C VAL E 59 23.51 3.61 3.76
N ARG E 60 23.34 3.54 5.07
CA ARG E 60 24.37 3.02 5.96
C ARG E 60 24.73 1.59 5.62
N LYS E 61 23.74 0.71 5.56
CA LYS E 61 24.03 -0.70 5.37
C LYS E 61 24.63 -0.97 3.97
N GLN E 62 24.29 -0.12 3.01
CA GLN E 62 24.94 -0.16 1.70
C GLN E 62 26.41 0.23 1.86
N LEU E 63 26.66 1.26 2.67
CA LEU E 63 28.02 1.74 2.91
C LEU E 63 28.86 0.73 3.68
N GLU E 64 28.27 0.15 4.72
CA GLU E 64 28.97 -0.86 5.52
C GLU E 64 29.48 -2.00 4.66
N ALA E 65 28.70 -2.33 3.62
CA ALA E 65 29.04 -3.41 2.70
C ALA E 65 30.23 -3.02 1.84
N GLU E 66 30.17 -1.82 1.27
CA GLU E 66 31.24 -1.31 0.42
C GLU E 66 32.53 -1.16 1.21
N LYS E 67 32.42 -0.77 2.48
CA LYS E 67 33.59 -0.71 3.34
C LYS E 67 34.22 -2.09 3.44
N MET E 68 33.40 -3.09 3.76
CA MET E 68 33.91 -4.46 3.94
C MET E 68 34.64 -4.97 2.70
N GLU E 69 34.13 -4.60 1.53
CA GLU E 69 34.76 -4.97 0.27
C GLU E 69 36.09 -4.25 0.10
N LEU E 70 36.12 -2.96 0.46
CA LEU E 70 37.37 -2.21 0.43
C LEU E 70 38.39 -2.75 1.42
N GLN E 71 37.94 -3.17 2.60
CA GLN E 71 38.83 -3.78 3.58
C GLN E 71 39.43 -5.05 3.00
N SER E 72 38.62 -5.79 2.24
CA SER E 72 39.06 -7.05 1.64
C SER E 72 40.05 -6.84 0.47
N ALA E 73 39.76 -5.87 -0.40
CA ALA E 73 40.68 -5.58 -1.51
C ALA E 73 42.01 -5.06 -0.97
N LEU E 74 41.97 -4.29 0.11
CA LEU E 74 43.19 -3.77 0.72
C LEU E 74 44.09 -4.89 1.25
N GLU E 75 43.50 -5.79 2.03
CA GLU E 75 44.24 -6.93 2.57
C GLU E 75 44.92 -7.73 1.46
N GLU E 76 44.20 -8.00 0.38
CA GLU E 76 44.77 -8.75 -0.74
C GLU E 76 45.91 -7.97 -1.37
N ALA E 77 45.72 -6.67 -1.52
CA ALA E 77 46.77 -5.83 -2.10
C ALA E 77 48.00 -5.79 -1.20
N GLU E 78 47.78 -5.66 0.10
CA GLU E 78 48.90 -5.60 1.03
C GLU E 78 49.63 -6.94 1.14
N ALA E 79 48.88 -8.04 1.13
CA ALA E 79 49.52 -9.35 1.14
C ALA E 79 50.32 -9.55 -0.12
N SER E 80 49.74 -9.21 -1.26
CA SER E 80 50.44 -9.32 -2.54
C SER E 80 51.73 -8.49 -2.53
N LEU E 81 51.65 -7.27 -2.02
CA LEU E 81 52.82 -6.40 -1.94
C LEU E 81 53.90 -7.02 -1.08
N GLU E 82 53.53 -7.57 0.06
CA GLU E 82 54.53 -8.10 0.98
C GLU E 82 55.28 -9.30 0.38
N HIS E 83 54.56 -10.10 -0.40
CA HIS E 83 55.17 -11.21 -1.10
C HIS E 83 56.22 -10.70 -2.08
N GLU E 84 55.82 -9.73 -2.90
CA GLU E 84 56.69 -9.15 -3.92
C GLU E 84 57.93 -8.48 -3.34
N GLU E 85 57.76 -7.81 -2.20
CA GLU E 85 58.86 -7.13 -1.54
C GLU E 85 59.91 -8.07 -1.04
N GLY E 86 59.52 -9.32 -0.78
CA GLY E 86 60.47 -10.29 -0.25
C GLY E 86 61.31 -10.98 -1.32
N LYS E 87 61.00 -10.74 -2.59
CA LYS E 87 61.54 -11.62 -3.62
C LYS E 87 63.04 -11.41 -3.84
N ILE E 88 63.50 -10.16 -3.86
CA ILE E 88 64.89 -9.88 -4.16
C ILE E 88 65.79 -10.42 -3.04
N LEU E 89 65.39 -10.19 -1.78
CA LEU E 89 66.10 -10.76 -0.64
C LEU E 89 66.16 -12.29 -0.69
N ARG E 90 65.06 -12.93 -1.08
CA ARG E 90 65.07 -14.39 -1.20
C ARG E 90 66.07 -14.84 -2.27
N ALA E 91 66.13 -14.10 -3.39
CA ALA E 91 67.12 -14.38 -4.45
C ALA E 91 68.55 -14.26 -3.92
N GLN E 92 68.82 -13.18 -3.20
CA GLN E 92 70.12 -12.95 -2.60
C GLN E 92 70.61 -14.14 -1.78
N LEU E 93 69.71 -14.74 -1.02
CA LEU E 93 70.12 -15.81 -0.12
C LEU E 93 70.38 -17.10 -0.89
N GLU E 94 69.66 -17.31 -1.99
CA GLU E 94 69.95 -18.45 -2.87
C GLU E 94 71.30 -18.25 -3.58
N PHE E 95 71.63 -17.00 -3.87
CA PHE E 95 72.88 -16.68 -4.54
C PHE E 95 74.02 -16.94 -3.56
N ASN E 96 73.73 -16.68 -2.28
CA ASN E 96 74.69 -16.90 -1.20
C ASN E 96 75.02 -18.37 -1.01
N GLN E 97 73.97 -19.20 -0.98
CA GLN E 97 74.13 -20.62 -0.83
C GLN E 97 74.93 -21.23 -1.99
N ILE E 98 74.72 -20.70 -3.19
CA ILE E 98 75.36 -21.27 -4.38
C ILE E 98 76.84 -20.90 -4.45
N LYS E 99 77.16 -19.66 -4.13
CA LYS E 99 78.54 -19.19 -4.26
C LYS E 99 79.43 -19.74 -3.14
N ALA E 100 78.83 -20.39 -2.15
CA ALA E 100 79.61 -21.07 -1.12
C ALA E 100 79.97 -22.48 -1.59
N GLU E 101 79.04 -23.12 -2.28
CA GLU E 101 79.24 -24.47 -2.79
C GLU E 101 80.30 -24.50 -3.89
N PRO F 5 1.21 7.43 19.03
CA PRO F 5 0.57 8.76 19.05
C PRO F 5 -0.82 8.73 18.42
N LEU F 6 -1.71 9.60 18.89
CA LEU F 6 -3.07 9.66 18.35
C LEU F 6 -3.09 9.88 16.83
N LYS F 7 -3.93 9.13 16.13
CA LYS F 7 -4.13 9.37 14.70
C LYS F 7 -4.74 10.76 14.53
N PRO F 8 -4.57 11.36 13.34
CA PRO F 8 -5.19 12.67 13.12
C PRO F 8 -6.71 12.68 13.41
N GLU F 9 -7.43 11.63 13.02
CA GLU F 9 -8.88 11.63 13.22
C GLU F 9 -9.28 11.49 14.71
N GLU F 10 -8.50 10.78 15.51
CA GLU F 10 -8.84 10.66 16.93
C GLU F 10 -8.42 11.89 17.72
N HIS F 11 -7.37 12.59 17.25
CA HIS F 11 -7.06 13.91 17.79
C HIS F 11 -8.26 14.83 17.54
N GLU F 12 -8.70 14.86 16.29
CA GLU F 12 -9.80 15.71 15.87
C GLU F 12 -11.09 15.43 16.65
N ASP F 13 -11.36 14.17 16.92
CA ASP F 13 -12.53 13.78 17.70
C ASP F 13 -12.52 14.46 19.06
N ILE F 14 -11.34 14.53 19.67
CA ILE F 14 -11.21 15.15 20.99
C ILE F 14 -11.40 16.68 20.90
N LEU F 15 -10.83 17.30 19.86
CA LEU F 15 -11.00 18.74 19.65
C LEU F 15 -12.49 19.08 19.49
N ASN F 16 -13.18 18.28 18.68
CA ASN F 16 -14.59 18.48 18.42
C ASN F 16 -15.37 18.45 19.75
N LYS F 17 -15.06 17.46 20.58
CA LYS F 17 -15.71 17.30 21.88
C LYS F 17 -15.47 18.52 22.78
N LEU F 18 -14.26 19.08 22.74
CA LEU F 18 -13.91 20.21 23.59
C LEU F 18 -14.51 21.53 23.11
N LEU F 19 -15.07 21.51 21.90
CA LEU F 19 -15.68 22.71 21.35
C LEU F 19 -16.94 23.16 22.10
N ASP F 20 -17.62 22.20 22.74
CA ASP F 20 -18.90 22.48 23.41
C ASP F 20 -18.71 23.18 24.76
N PRO F 21 -19.23 24.41 24.89
CA PRO F 21 -19.22 25.14 26.16
C PRO F 21 -20.01 24.42 27.25
N GLU F 22 -21.05 23.68 26.86
CA GLU F 22 -21.93 22.98 27.79
C GLU F 22 -21.35 21.63 28.25
N LEU F 23 -20.17 21.30 27.74
CA LEU F 23 -19.48 20.08 28.18
C LEU F 23 -19.19 20.15 29.69
N ALA F 24 -19.48 19.06 30.41
CA ALA F 24 -19.26 19.05 31.85
C ALA F 24 -17.78 19.15 32.16
N GLN F 25 -17.45 19.85 33.24
CA GLN F 25 -16.05 20.17 33.54
C GLN F 25 -15.21 18.92 33.69
N SER F 26 -15.76 17.87 34.31
CA SER F 26 -15.01 16.62 34.47
C SER F 26 -14.64 16.02 33.11
N GLU F 27 -15.56 16.06 32.15
CA GLU F 27 -15.28 15.48 30.83
C GLU F 27 -14.31 16.37 30.03
N ARG F 28 -14.39 17.67 30.24
CA ARG F 28 -13.51 18.61 29.58
C ARG F 28 -12.10 18.41 30.14
N THR F 29 -12.01 18.32 31.46
CA THR F 29 -10.73 18.09 32.11
C THR F 29 -10.09 16.80 31.59
N GLU F 30 -10.89 15.73 31.49
CA GLU F 30 -10.39 14.43 31.05
C GLU F 30 -9.92 14.44 29.58
N ALA F 31 -10.64 15.18 28.74
CA ALA F 31 -10.32 15.26 27.32
C ALA F 31 -9.00 16.02 27.14
N LEU F 32 -8.83 17.07 27.92
CA LEU F 32 -7.61 17.85 27.91
C LEU F 32 -6.44 16.99 28.37
N GLN F 33 -6.65 16.14 29.38
CA GLN F 33 -5.58 15.26 29.83
C GLN F 33 -5.17 14.29 28.71
N GLN F 34 -6.15 13.80 27.94
CA GLN F 34 -5.83 12.95 26.78
C GLN F 34 -4.87 13.67 25.82
N LEU F 35 -5.20 14.91 25.49
CA LEU F 35 -4.33 15.70 24.64
C LEU F 35 -2.96 15.84 25.28
N ARG F 36 -2.95 16.07 26.60
CA ARG F 36 -1.71 16.31 27.31
C ARG F 36 -0.81 15.08 27.36
N VAL F 37 -1.38 13.93 27.73
CA VAL F 37 -0.56 12.71 27.77
C VAL F 37 -0.07 12.38 26.36
N ASN F 38 -0.93 12.60 25.35
CA ASN F 38 -0.53 12.29 23.98
C ASN F 38 0.62 13.17 23.48
N TYR F 39 0.51 14.47 23.73
CA TYR F 39 1.54 15.38 23.26
C TYR F 39 2.89 15.10 23.92
N GLY F 40 2.89 14.84 25.22
CA GLY F 40 4.09 14.46 25.95
C GLY F 40 4.78 13.26 25.33
N SER F 41 4.00 12.21 25.05
CA SER F 41 4.50 11.00 24.41
C SER F 41 5.05 11.31 23.00
N PHE F 42 4.30 12.11 22.25
CA PHE F 42 4.63 12.44 20.86
C PHE F 42 5.92 13.25 20.78
N VAL F 43 6.05 14.28 21.62
CA VAL F 43 7.27 15.08 21.66
C VAL F 43 8.48 14.20 22.03
N SER F 44 8.30 13.34 23.03
CA SER F 44 9.41 12.48 23.44
C SER F 44 9.80 11.50 22.32
N GLU F 45 8.81 10.93 21.63
CA GLU F 45 9.05 10.02 20.51
C GLU F 45 9.76 10.75 19.39
N TYR F 46 9.29 11.97 19.13
CA TYR F 46 9.87 12.84 18.11
C TYR F 46 11.33 13.18 18.42
N ASN F 47 11.58 13.61 19.66
CA ASN F 47 12.92 13.96 20.07
C ASN F 47 13.87 12.76 19.96
N ASP F 48 13.41 11.58 20.37
CA ASP F 48 14.21 10.37 20.22
C ASP F 48 14.55 10.08 18.76
N LEU F 49 13.57 10.19 17.86
CA LEU F 49 13.81 9.92 16.44
C LEU F 49 14.82 10.92 15.85
N THR F 50 14.74 12.16 16.31
CA THR F 50 15.68 13.21 15.89
C THR F 50 17.12 12.87 16.26
N LYS F 51 17.31 12.37 17.48
CA LYS F 51 18.64 11.98 17.96
C LYS F 51 19.16 10.76 17.19
N SER F 52 18.28 9.79 16.98
CA SER F 52 18.65 8.59 16.23
C SER F 52 19.10 8.95 14.83
N HIS F 53 18.40 9.91 14.23
CA HIS F 53 18.73 10.47 12.92
C HIS F 53 20.09 11.17 12.92
N GLU F 54 20.33 11.99 13.93
CA GLU F 54 21.62 12.67 14.08
C GLU F 54 22.74 11.65 14.29
N LYS F 55 22.55 10.72 15.21
CA LYS F 55 23.53 9.64 15.43
C LYS F 55 23.83 8.93 14.10
N LEU F 56 22.78 8.68 13.32
CA LEU F 56 22.91 7.99 12.04
C LEU F 56 23.67 8.80 11.00
N GLU F 57 23.34 10.08 10.89
CA GLU F 57 24.03 10.95 9.95
C GLU F 57 25.52 10.98 10.27
N LYS F 58 25.85 11.02 11.56
CA LYS F 58 27.25 10.99 12.01
C LYS F 58 27.94 9.69 11.61
N VAL F 59 27.23 8.57 11.76
CA VAL F 59 27.77 7.28 11.34
C VAL F 59 27.95 7.25 9.82
N ARG F 60 27.05 7.88 9.08
CA ARG F 60 27.19 7.87 7.62
C ARG F 60 28.45 8.60 7.19
N LYS F 61 28.64 9.82 7.69
CA LYS F 61 29.79 10.62 7.27
C LYS F 61 31.09 10.00 7.77
N GLN F 62 31.02 9.30 8.90
CA GLN F 62 32.17 8.54 9.37
C GLN F 62 32.51 7.42 8.38
N LEU F 63 31.48 6.70 7.93
CA LEU F 63 31.69 5.58 7.03
C LEU F 63 32.37 6.02 5.72
N GLU F 64 31.88 7.08 5.09
CA GLU F 64 32.44 7.46 3.79
C GLU F 64 33.82 8.09 3.90
N ALA F 65 34.19 8.55 5.10
CA ALA F 65 35.58 8.94 5.34
C ALA F 65 36.46 7.69 5.42
N GLU F 66 35.97 6.69 6.15
CA GLU F 66 36.71 5.43 6.30
C GLU F 66 36.88 4.74 4.96
N LYS F 67 35.88 4.87 4.09
CA LYS F 67 36.00 4.40 2.71
C LYS F 67 37.08 5.17 1.96
N MET F 68 37.22 6.46 2.26
CA MET F 68 38.19 7.27 1.54
C MET F 68 39.63 6.94 1.97
N GLU F 69 39.81 6.57 3.24
CA GLU F 69 41.16 6.26 3.72
C GLU F 69 41.55 4.85 3.27
N LEU F 70 40.54 4.00 3.07
CA LEU F 70 40.78 2.66 2.57
C LEU F 70 41.15 2.73 1.10
N GLN F 71 40.33 3.43 0.33
CA GLN F 71 40.58 3.60 -1.10
C GLN F 71 41.96 4.25 -1.37
N SER F 72 42.36 5.15 -0.50
CA SER F 72 43.69 5.76 -0.59
C SER F 72 44.80 4.75 -0.30
N ALA F 73 44.62 3.95 0.76
CA ALA F 73 45.57 2.89 1.11
C ALA F 73 45.70 1.86 -0.02
N LEU F 74 44.57 1.46 -0.58
CA LEU F 74 44.56 0.53 -1.72
C LEU F 74 45.39 1.08 -2.88
N GLU F 75 45.19 2.35 -3.24
CA GLU F 75 45.99 2.94 -4.31
C GLU F 75 47.49 2.93 -4.01
N GLU F 76 47.86 3.23 -2.78
CA GLU F 76 49.25 3.21 -2.33
C GLU F 76 49.87 1.81 -2.48
N ALA F 77 49.11 0.78 -2.09
CA ALA F 77 49.62 -0.59 -2.19
C ALA F 77 49.74 -1.01 -3.65
N GLU F 78 48.84 -0.53 -4.50
CA GLU F 78 48.96 -0.87 -5.91
C GLU F 78 50.14 -0.17 -6.57
N ALA F 79 50.47 1.04 -6.13
CA ALA F 79 51.59 1.75 -6.72
C ALA F 79 52.91 1.15 -6.22
N SER F 80 52.93 0.70 -4.97
CA SER F 80 54.12 0.06 -4.41
C SER F 80 54.37 -1.26 -5.10
N LEU F 81 53.29 -1.95 -5.44
CA LEU F 81 53.39 -3.20 -6.16
C LEU F 81 54.06 -2.96 -7.50
N GLU F 82 53.63 -1.91 -8.19
CA GLU F 82 54.23 -1.61 -9.49
C GLU F 82 55.72 -1.26 -9.34
N HIS F 83 56.04 -0.56 -8.26
CA HIS F 83 57.40 -0.18 -7.92
C HIS F 83 58.29 -1.41 -7.67
N GLU F 84 57.80 -2.34 -6.87
CA GLU F 84 58.55 -3.57 -6.59
C GLU F 84 58.77 -4.38 -7.86
N GLU F 85 57.76 -4.41 -8.72
CA GLU F 85 57.85 -5.09 -9.99
C GLU F 85 58.99 -4.50 -10.85
N GLY F 86 59.07 -3.18 -10.86
CA GLY F 86 60.10 -2.47 -11.58
C GLY F 86 61.47 -2.80 -11.00
N LYS F 87 61.54 -2.92 -9.67
CA LYS F 87 62.78 -3.24 -9.00
C LYS F 87 63.26 -4.64 -9.38
N ILE F 88 62.35 -5.61 -9.39
CA ILE F 88 62.73 -6.98 -9.77
C ILE F 88 63.18 -7.05 -11.24
N LEU F 89 62.51 -6.31 -12.11
CA LEU F 89 62.94 -6.20 -13.51
C LEU F 89 64.38 -5.70 -13.55
N ARG F 90 64.68 -4.64 -12.81
CA ARG F 90 65.99 -4.03 -12.92
C ARG F 90 67.06 -4.99 -12.38
N ALA F 91 66.70 -5.79 -11.37
CA ALA F 91 67.64 -6.79 -10.85
C ALA F 91 67.91 -7.87 -11.88
N GLN F 92 66.85 -8.33 -12.56
CA GLN F 92 67.01 -9.29 -13.64
C GLN F 92 67.90 -8.75 -14.77
N LEU F 93 67.69 -7.49 -15.15
CA LEU F 93 68.47 -6.87 -16.21
C LEU F 93 69.96 -6.72 -15.80
N GLU F 94 70.20 -6.33 -14.54
CA GLU F 94 71.57 -6.27 -14.00
C GLU F 94 72.24 -7.62 -14.01
N PHE F 95 71.47 -8.63 -13.60
CA PHE F 95 71.98 -9.99 -13.55
C PHE F 95 72.40 -10.43 -14.96
N ASN F 96 71.51 -10.26 -15.94
CA ASN F 96 71.77 -10.76 -17.30
C ASN F 96 73.02 -10.09 -17.88
N GLN F 97 73.21 -8.81 -17.55
CA GLN F 97 74.39 -8.08 -17.99
C GLN F 97 75.66 -8.70 -17.42
N ILE F 98 75.64 -8.95 -16.11
CA ILE F 98 76.78 -9.53 -15.43
C ILE F 98 77.11 -10.90 -16.03
N LYS F 99 76.07 -11.69 -16.28
CA LYS F 99 76.22 -13.03 -16.83
C LYS F 99 76.92 -13.03 -18.19
N ALA F 100 76.58 -12.04 -19.01
CA ALA F 100 77.05 -11.96 -20.38
C ALA F 100 78.44 -11.34 -20.47
N GLU F 101 78.87 -10.70 -19.39
CA GLU F 101 80.16 -10.02 -19.36
C GLU F 101 81.28 -10.99 -19.02
N GLY G 4 3.36 42.31 -4.79
CA GLY G 4 2.61 41.42 -5.66
C GLY G 4 1.93 40.27 -4.93
N PRO G 5 2.41 39.04 -5.16
CA PRO G 5 1.76 37.81 -4.66
C PRO G 5 1.78 37.70 -3.13
N LEU G 6 0.83 36.97 -2.57
CA LEU G 6 0.83 36.71 -1.13
C LEU G 6 2.19 36.15 -0.70
N LYS G 7 2.69 36.62 0.43
CA LYS G 7 3.94 36.09 0.93
C LYS G 7 3.70 34.67 1.43
N PRO G 8 4.75 33.83 1.39
CA PRO G 8 4.64 32.43 1.79
C PRO G 8 3.86 32.27 3.11
N GLU G 9 4.04 33.22 4.03
CA GLU G 9 3.38 33.20 5.34
C GLU G 9 1.89 33.51 5.28
N GLU G 10 1.50 34.51 4.48
CA GLU G 10 0.09 34.90 4.39
C GLU G 10 -0.72 33.79 3.73
N HIS G 11 -0.10 33.13 2.77
CA HIS G 11 -0.69 32.01 2.06
C HIS G 11 -0.83 30.81 2.98
N GLU G 12 0.18 30.59 3.83
CA GLU G 12 0.12 29.49 4.80
C GLU G 12 -1.00 29.76 5.81
N ASP G 13 -1.13 31.02 6.22
CA ASP G 13 -2.18 31.39 7.14
C ASP G 13 -3.57 31.08 6.53
N ILE G 14 -3.74 31.34 5.24
CA ILE G 14 -5.01 31.06 4.59
C ILE G 14 -5.29 29.55 4.52
N LEU G 15 -4.29 28.78 4.10
CA LEU G 15 -4.37 27.31 4.09
C LEU G 15 -4.79 26.78 5.47
N ASN G 16 -4.22 27.37 6.52
CA ASN G 16 -4.46 26.93 7.88
C ASN G 16 -5.90 27.23 8.29
N LYS G 17 -6.35 28.45 8.00
CA LYS G 17 -7.74 28.83 8.21
C LYS G 17 -8.71 27.83 7.58
N LEU G 18 -8.38 27.37 6.36
CA LEU G 18 -9.28 26.50 5.60
C LEU G 18 -9.33 25.07 6.14
N LEU G 19 -8.42 24.76 7.05
CA LEU G 19 -8.37 23.45 7.68
C LEU G 19 -9.45 23.33 8.77
N ASP G 20 -9.96 24.48 9.22
CA ASP G 20 -10.96 24.53 10.29
C ASP G 20 -12.30 23.90 9.86
N PRO G 21 -12.69 22.75 10.44
CA PRO G 21 -13.99 22.19 10.04
C PRO G 21 -15.16 23.11 10.40
N GLU G 22 -14.91 24.09 11.28
CA GLU G 22 -15.95 24.97 11.81
C GLU G 22 -15.98 26.35 11.16
N LEU G 23 -15.10 26.57 10.18
CA LEU G 23 -15.02 27.86 9.50
C LEU G 23 -16.37 28.19 8.86
N ALA G 24 -16.88 29.40 9.11
CA ALA G 24 -18.14 29.84 8.52
C ALA G 24 -18.07 29.72 7.01
N GLN G 25 -19.16 29.28 6.39
CA GLN G 25 -19.15 29.02 4.96
C GLN G 25 -18.79 30.29 4.16
N SER G 26 -19.27 31.43 4.62
CA SER G 26 -18.98 32.70 3.96
C SER G 26 -17.48 33.02 4.03
N GLU G 27 -16.88 32.66 5.16
CA GLU G 27 -15.45 32.89 5.35
C GLU G 27 -14.63 31.89 4.53
N ARG G 28 -15.12 30.65 4.42
CA ARG G 28 -14.50 29.66 3.55
C ARG G 28 -14.48 30.16 2.10
N THR G 29 -15.63 30.64 1.63
CA THR G 29 -15.74 31.20 0.29
C THR G 29 -14.74 32.35 0.08
N GLU G 30 -14.60 33.21 1.07
CA GLU G 30 -13.70 34.37 0.95
C GLU G 30 -12.25 33.96 0.91
N ALA G 31 -11.89 32.99 1.75
CA ALA G 31 -10.49 32.56 1.85
C ALA G 31 -10.06 31.89 0.55
N LEU G 32 -10.95 31.10 -0.05
CA LEU G 32 -10.65 30.46 -1.33
C LEU G 32 -10.56 31.49 -2.44
N GLN G 33 -11.47 32.47 -2.44
CA GLN G 33 -11.38 33.58 -3.40
C GLN G 33 -10.06 34.34 -3.26
N GLN G 34 -9.55 34.51 -2.04
CA GLN G 34 -8.25 35.15 -1.84
C GLN G 34 -7.15 34.39 -2.61
N LEU G 35 -7.13 33.06 -2.49
CA LEU G 35 -6.16 32.20 -3.19
C LEU G 35 -6.33 32.24 -4.72
N ARG G 36 -7.59 32.21 -5.15
CA ARG G 36 -7.96 32.26 -6.56
C ARG G 36 -7.43 33.53 -7.25
N VAL G 37 -7.73 34.69 -6.68
CA VAL G 37 -7.29 35.96 -7.30
C VAL G 37 -5.77 36.06 -7.21
N ASN G 38 -5.20 35.54 -6.13
CA ASN G 38 -3.75 35.57 -5.97
C ASN G 38 -3.05 34.70 -7.00
N TYR G 39 -3.58 33.49 -7.25
CA TYR G 39 -2.91 32.59 -8.19
C TYR G 39 -2.96 33.17 -9.60
N GLY G 40 -4.13 33.61 -10.04
CA GLY G 40 -4.28 34.19 -11.36
C GLY G 40 -3.36 35.41 -11.56
N SER G 41 -3.29 36.24 -10.53
CA SER G 41 -2.46 37.42 -10.54
C SER G 41 -0.97 37.04 -10.53
N PHE G 42 -0.63 36.06 -9.70
CA PHE G 42 0.73 35.56 -9.63
C PHE G 42 1.17 34.98 -10.98
N VAL G 43 0.37 34.06 -11.51
CA VAL G 43 0.64 33.45 -12.82
C VAL G 43 0.85 34.50 -13.91
N SER G 44 0.07 35.57 -13.85
CA SER G 44 0.15 36.65 -14.84
C SER G 44 1.44 37.47 -14.74
N GLU G 45 1.74 37.94 -13.54
CA GLU G 45 2.97 38.67 -13.25
C GLU G 45 4.19 37.84 -13.59
N TYR G 46 4.11 36.53 -13.36
CA TYR G 46 5.25 35.66 -13.63
C TYR G 46 5.56 35.60 -15.13
N ASN G 47 4.54 35.38 -15.95
CA ASN G 47 4.72 35.32 -17.40
C ASN G 47 5.14 36.67 -17.97
N ASP G 48 4.73 37.76 -17.31
CA ASP G 48 5.14 39.09 -17.70
C ASP G 48 6.62 39.33 -17.40
N LEU G 49 7.02 38.87 -16.21
CA LEU G 49 8.42 38.91 -15.79
C LEU G 49 9.29 38.09 -16.73
N THR G 50 8.83 36.89 -17.06
CA THR G 50 9.51 36.05 -18.05
C THR G 50 9.66 36.76 -19.41
N LYS G 51 8.58 37.37 -19.89
CA LYS G 51 8.64 38.15 -21.13
C LYS G 51 9.69 39.26 -21.03
N SER G 52 9.57 40.07 -19.98
CA SER G 52 10.46 41.19 -19.72
C SER G 52 11.92 40.74 -19.62
N HIS G 53 12.12 39.53 -19.10
CA HIS G 53 13.45 38.99 -18.93
C HIS G 53 14.06 38.65 -20.29
N GLU G 54 13.23 38.18 -21.21
CA GLU G 54 13.70 37.82 -22.54
C GLU G 54 14.07 39.06 -23.38
N LYS G 55 13.25 40.10 -23.30
CA LYS G 55 13.54 41.34 -24.01
C LYS G 55 14.79 42.00 -23.45
N LEU G 56 14.98 41.89 -22.14
CA LEU G 56 16.18 42.44 -21.50
C LEU G 56 17.43 41.69 -21.96
N GLU G 57 17.31 40.38 -22.12
CA GLU G 57 18.42 39.59 -22.67
C GLU G 57 18.84 39.99 -24.09
N LYS G 58 17.87 40.29 -24.95
CA LYS G 58 18.17 40.76 -26.31
C LYS G 58 18.81 42.15 -26.28
N VAL G 59 18.33 43.02 -25.41
CA VAL G 59 18.90 44.35 -25.26
C VAL G 59 20.36 44.23 -24.80
N ARG G 60 20.64 43.23 -23.96
CA ARG G 60 21.99 43.04 -23.43
C ARG G 60 22.98 42.62 -24.49
N LYS G 61 22.62 41.62 -25.29
CA LYS G 61 23.56 41.10 -26.28
C LYS G 61 23.75 42.09 -27.43
N GLN G 62 22.70 42.85 -27.74
CA GLN G 62 22.80 43.91 -28.72
C GLN G 62 23.79 44.96 -28.19
N LEU G 63 23.61 45.35 -26.94
CA LEU G 63 24.52 46.29 -26.31
C LEU G 63 25.96 45.79 -26.32
N GLU G 64 26.16 44.50 -26.09
CA GLU G 64 27.52 43.96 -25.98
C GLU G 64 28.24 44.04 -27.33
N ALA G 65 27.50 43.82 -28.40
CA ALA G 65 28.03 43.89 -29.76
C ALA G 65 28.32 45.33 -30.17
N GLU G 66 27.44 46.26 -29.82
CA GLU G 66 27.69 47.68 -30.11
C GLU G 66 28.92 48.17 -29.37
N LYS G 67 29.09 47.68 -28.15
CA LYS G 67 30.26 47.99 -27.33
C LYS G 67 31.53 47.46 -27.99
N MET G 68 31.39 46.34 -28.69
CA MET G 68 32.50 45.70 -29.38
C MET G 68 32.93 46.51 -30.61
N GLU G 69 31.94 46.96 -31.38
CA GLU G 69 32.17 47.77 -32.56
C GLU G 69 32.88 49.07 -32.20
N LEU G 70 32.46 49.68 -31.12
CA LEU G 70 33.05 50.96 -30.71
C LEU G 70 34.50 50.79 -30.28
N GLN G 71 34.77 49.76 -29.47
CA GLN G 71 36.12 49.51 -28.97
C GLN G 71 37.08 49.25 -30.13
N SER G 72 36.62 48.59 -31.19
CA SER G 72 37.47 48.35 -32.35
C SER G 72 37.68 49.62 -33.20
N ALA G 73 36.64 50.44 -33.32
CA ALA G 73 36.78 51.69 -34.07
C ALA G 73 37.64 52.66 -33.27
N LEU G 74 37.47 52.65 -31.95
CA LEU G 74 38.33 53.45 -31.10
C LEU G 74 39.80 53.02 -31.27
N GLU G 75 40.06 51.72 -31.26
CA GLU G 75 41.43 51.21 -31.36
C GLU G 75 42.08 51.56 -32.69
N GLU G 76 41.30 51.53 -33.77
CA GLU G 76 41.80 51.81 -35.11
C GLU G 76 42.11 53.29 -35.28
N ALA G 77 41.28 54.13 -34.70
CA ALA G 77 41.47 55.57 -34.72
C ALA G 77 42.70 55.97 -33.91
N GLU G 78 42.92 55.29 -32.79
CA GLU G 78 44.06 55.61 -31.92
C GLU G 78 45.38 55.12 -32.54
N ALA G 79 45.32 53.98 -33.22
CA ALA G 79 46.50 53.44 -33.90
C ALA G 79 46.90 54.34 -35.05
N SER G 80 45.91 54.86 -35.78
CA SER G 80 46.17 55.72 -36.93
C SER G 80 46.76 57.05 -36.51
N LEU G 81 46.33 57.54 -35.36
CA LEU G 81 46.84 58.79 -34.82
C LEU G 81 48.33 58.65 -34.51
N GLU G 82 48.72 57.52 -33.94
CA GLU G 82 50.12 57.31 -33.66
C GLU G 82 50.89 57.20 -34.98
N HIS G 83 50.25 56.60 -35.98
CA HIS G 83 50.85 56.47 -37.32
C HIS G 83 51.09 57.85 -37.95
N GLU G 84 50.07 58.71 -37.92
CA GLU G 84 50.16 60.03 -38.53
C GLU G 84 51.13 60.91 -37.75
N GLU G 85 51.16 60.70 -36.44
CA GLU G 85 52.10 61.42 -35.59
C GLU G 85 53.56 61.06 -35.98
N GLY G 86 53.82 59.78 -36.22
CA GLY G 86 55.12 59.31 -36.66
C GLY G 86 55.51 59.91 -38.00
N LYS G 87 54.55 60.04 -38.92
CA LYS G 87 54.81 60.63 -40.23
C LYS G 87 55.28 62.08 -40.07
N ILE G 88 54.67 62.79 -39.14
CA ILE G 88 55.01 64.18 -38.90
C ILE G 88 56.41 64.28 -38.31
N LEU G 89 56.71 63.43 -37.34
CA LEU G 89 58.08 63.32 -36.82
C LEU G 89 59.10 63.03 -37.94
N ARG G 90 58.82 62.08 -38.84
CA ARG G 90 59.79 61.71 -39.88
C ARG G 90 59.95 62.87 -40.86
N ALA G 91 58.84 63.56 -41.13
CA ALA G 91 58.85 64.73 -41.98
C ALA G 91 59.77 65.80 -41.40
N GLN G 92 59.60 66.10 -40.11
CA GLN G 92 60.46 67.06 -39.43
C GLN G 92 61.94 66.65 -39.46
N LEU G 93 62.21 65.36 -39.28
CA LEU G 93 63.59 64.88 -39.31
C LEU G 93 64.21 65.07 -40.70
N GLU G 94 63.48 64.71 -41.75
CA GLU G 94 63.98 64.91 -43.12
C GLU G 94 64.23 66.39 -43.35
N PHE G 95 63.29 67.22 -42.90
CA PHE G 95 63.43 68.66 -43.10
C PHE G 95 64.69 69.19 -42.43
N ASN G 96 64.91 68.82 -41.16
CA ASN G 96 66.11 69.27 -40.44
C ASN G 96 67.41 68.88 -41.16
N GLN G 97 67.43 67.68 -41.73
CA GLN G 97 68.62 67.18 -42.43
C GLN G 97 68.89 68.00 -43.69
N ILE G 98 67.84 68.37 -44.40
CA ILE G 98 67.96 69.17 -45.61
C ILE G 98 68.46 70.57 -45.29
N LYS G 99 67.91 71.17 -44.23
CA LYS G 99 68.29 72.51 -43.80
C LYS G 99 69.77 72.57 -43.49
N ALA G 100 70.26 71.51 -42.88
CA ALA G 100 71.69 71.36 -42.63
C ALA G 100 72.40 71.02 -43.94
N LEU H 6 1.29 22.33 -11.01
CA LEU H 6 -0.18 22.43 -11.03
C LEU H 6 -0.69 23.32 -12.18
N LYS H 7 -1.38 22.69 -13.11
CA LYS H 7 -2.11 23.42 -14.15
C LYS H 7 -3.17 24.30 -13.50
N PRO H 8 -3.47 25.46 -14.13
CA PRO H 8 -4.52 26.37 -13.64
C PRO H 8 -5.84 25.67 -13.31
N GLU H 9 -6.24 24.73 -14.16
CA GLU H 9 -7.50 24.00 -13.95
C GLU H 9 -7.41 23.11 -12.74
N GLU H 10 -6.21 22.58 -12.48
CA GLU H 10 -6.00 21.72 -11.33
C GLU H 10 -6.07 22.51 -10.02
N HIS H 11 -5.43 23.68 -10.01
CA HIS H 11 -5.55 24.62 -8.89
C HIS H 11 -7.03 24.96 -8.64
N GLU H 12 -7.74 25.24 -9.71
CA GLU H 12 -9.15 25.61 -9.61
C GLU H 12 -9.97 24.44 -9.06
N ASP H 13 -9.68 23.22 -9.51
CA ASP H 13 -10.37 22.03 -9.01
C ASP H 13 -10.22 21.92 -7.50
N ILE H 14 -8.99 22.12 -7.02
CA ILE H 14 -8.69 22.02 -5.59
C ILE H 14 -9.47 23.05 -4.76
N LEU H 15 -9.52 24.29 -5.24
CA LEU H 15 -10.30 25.33 -4.60
C LEU H 15 -11.80 24.95 -4.50
N ASN H 16 -12.34 24.35 -5.56
CA ASN H 16 -13.73 23.89 -5.55
C ASN H 16 -13.94 22.76 -4.53
N LYS H 17 -12.99 21.83 -4.44
CA LYS H 17 -13.07 20.75 -3.44
C LYS H 17 -13.07 21.32 -2.04
N LEU H 18 -12.19 22.29 -1.81
CA LEU H 18 -12.05 22.89 -0.49
C LEU H 18 -13.26 23.71 -0.05
N LEU H 19 -14.16 24.00 -0.99
CA LEU H 19 -15.35 24.80 -0.71
C LEU H 19 -16.40 23.97 0.02
N ASP H 20 -16.34 22.66 -0.20
CA ASP H 20 -17.33 21.72 0.33
C ASP H 20 -17.24 21.55 1.85
N PRO H 21 -18.28 22.02 2.57
CA PRO H 21 -18.28 22.01 4.04
C PRO H 21 -18.23 20.62 4.66
N GLU H 22 -18.56 19.57 3.91
CA GLU H 22 -18.53 18.21 4.44
C GLU H 22 -17.32 17.41 3.96
N LEU H 23 -16.42 18.04 3.21
CA LEU H 23 -15.20 17.37 2.77
C LEU H 23 -14.49 16.77 4.00
N ALA H 24 -14.15 15.48 3.93
CA ALA H 24 -13.49 14.79 5.04
C ALA H 24 -12.16 15.46 5.38
N GLN H 25 -11.81 15.50 6.67
CA GLN H 25 -10.61 16.22 7.10
C GLN H 25 -9.34 15.72 6.41
N SER H 26 -9.24 14.41 6.17
CA SER H 26 -8.07 13.85 5.50
C SER H 26 -7.91 14.35 4.05
N GLU H 27 -9.02 14.51 3.34
CA GLU H 27 -8.95 15.01 1.97
C GLU H 27 -8.75 16.52 1.99
N ARG H 28 -9.18 17.15 3.07
CA ARG H 28 -8.94 18.56 3.22
C ARG H 28 -7.43 18.76 3.37
N THR H 29 -6.81 18.07 4.33
CA THR H 29 -5.37 18.20 4.57
C THR H 29 -4.56 17.84 3.33
N GLU H 30 -4.99 16.80 2.61
CA GLU H 30 -4.29 16.43 1.38
C GLU H 30 -4.32 17.54 0.32
N ALA H 31 -5.53 18.04 0.05
CA ALA H 31 -5.74 19.11 -0.94
C ALA H 31 -4.96 20.37 -0.57
N LEU H 32 -4.98 20.73 0.72
CA LEU H 32 -4.25 21.88 1.21
C LEU H 32 -2.73 21.68 1.07
N GLN H 33 -2.28 20.44 1.17
CA GLN H 33 -0.85 20.15 1.02
C GLN H 33 -0.43 20.32 -0.45
N GLN H 34 -1.28 19.91 -1.37
CA GLN H 34 -1.04 20.15 -2.80
C GLN H 34 -0.82 21.64 -3.05
N LEU H 35 -1.70 22.48 -2.51
CA LEU H 35 -1.56 23.91 -2.69
C LEU H 35 -0.26 24.42 -2.06
N ARG H 36 0.09 23.89 -0.88
CA ARG H 36 1.29 24.30 -0.14
C ARG H 36 2.56 24.00 -0.95
N VAL H 37 2.66 22.77 -1.47
CA VAL H 37 3.81 22.33 -2.27
C VAL H 37 3.93 23.13 -3.56
N ASN H 38 2.79 23.34 -4.22
CA ASN H 38 2.79 24.08 -5.46
C ASN H 38 3.22 25.52 -5.24
N TYR H 39 2.76 26.13 -4.16
CA TYR H 39 3.05 27.54 -3.92
C TYR H 39 4.52 27.76 -3.53
N GLY H 40 5.06 26.85 -2.71
CA GLY H 40 6.48 26.90 -2.38
C GLY H 40 7.37 26.90 -3.62
N SER H 41 7.07 26.00 -4.56
CA SER H 41 7.79 25.93 -5.83
C SER H 41 7.64 27.20 -6.66
N PHE H 42 6.41 27.70 -6.73
CA PHE H 42 6.10 28.89 -7.50
C PHE H 42 6.90 30.08 -6.98
N VAL H 43 6.90 30.26 -5.65
CA VAL H 43 7.56 31.41 -5.05
C VAL H 43 9.08 31.40 -5.29
N SER H 44 9.72 30.25 -5.23
CA SER H 44 11.18 30.21 -5.37
C SER H 44 11.62 30.47 -6.81
N GLU H 45 10.94 29.88 -7.79
CA GLU H 45 11.32 30.11 -9.18
C GLU H 45 10.91 31.51 -9.62
N TYR H 46 9.95 32.11 -8.93
CA TYR H 46 9.63 33.52 -9.15
C TYR H 46 10.68 34.45 -8.55
N ASN H 47 11.09 34.15 -7.32
CA ASN H 47 12.15 34.93 -6.67
C ASN H 47 13.47 34.82 -7.43
N ASP H 48 13.78 33.63 -7.91
CA ASP H 48 14.94 33.41 -8.76
C ASP H 48 14.87 34.25 -10.02
N LEU H 49 13.70 34.25 -10.66
CA LEU H 49 13.51 35.02 -11.88
C LEU H 49 13.62 36.53 -11.63
N THR H 50 13.14 36.97 -10.46
CA THR H 50 13.20 38.39 -10.08
C THR H 50 14.66 38.78 -9.83
N LYS H 51 15.41 37.87 -9.21
CA LYS H 51 16.84 38.03 -8.97
C LYS H 51 17.59 38.20 -10.28
N SER H 52 17.34 37.29 -11.22
CA SER H 52 17.97 37.32 -12.52
C SER H 52 17.65 38.62 -13.27
N HIS H 53 16.36 38.98 -13.31
CA HIS H 53 15.89 40.19 -13.99
C HIS H 53 16.64 41.44 -13.50
N GLU H 54 16.79 41.56 -12.18
CA GLU H 54 17.44 42.72 -11.56
C GLU H 54 18.95 42.76 -11.82
N LYS H 55 19.61 41.61 -11.81
CA LYS H 55 21.01 41.51 -12.25
C LYS H 55 21.16 42.03 -13.67
N LEU H 56 20.22 41.63 -14.52
CA LEU H 56 20.23 41.96 -15.93
C LEU H 56 19.96 43.44 -16.14
N GLU H 57 19.05 44.00 -15.36
CA GLU H 57 18.82 45.45 -15.45
C GLU H 57 20.09 46.23 -15.07
N LYS H 58 20.81 45.74 -14.06
CA LYS H 58 22.10 46.32 -13.66
C LYS H 58 23.09 46.34 -14.83
N VAL H 59 23.17 45.21 -15.53
CA VAL H 59 24.11 45.08 -16.65
C VAL H 59 23.75 46.02 -17.80
N ARG H 60 22.45 46.26 -17.98
CA ARG H 60 22.02 47.12 -19.07
C ARG H 60 22.49 48.55 -18.83
N LYS H 61 22.16 49.12 -17.67
CA LYS H 61 22.57 50.49 -17.33
C LYS H 61 24.09 50.70 -17.40
N GLN H 62 24.84 49.65 -17.06
CA GLN H 62 26.29 49.68 -17.07
C GLN H 62 26.82 49.76 -18.50
N LEU H 63 26.33 48.84 -19.33
CA LEU H 63 26.69 48.80 -20.73
C LEU H 63 26.31 50.11 -21.42
N GLU H 64 25.14 50.64 -21.10
CA GLU H 64 24.71 51.88 -21.74
C GLU H 64 25.59 53.08 -21.33
N ALA H 65 26.04 53.10 -20.08
CA ALA H 65 27.01 54.13 -19.67
C ALA H 65 28.38 53.91 -20.31
N GLU H 66 28.76 52.66 -20.51
CA GLU H 66 30.04 52.37 -21.16
C GLU H 66 29.98 52.74 -22.64
N LYS H 67 28.86 52.38 -23.28
CA LYS H 67 28.66 52.70 -24.69
C LYS H 67 28.69 54.21 -24.91
N MET H 68 28.15 54.97 -23.96
CA MET H 68 28.09 56.42 -24.10
C MET H 68 29.47 57.07 -24.01
N GLU H 69 30.33 56.49 -23.17
CA GLU H 69 31.66 57.03 -23.00
C GLU H 69 32.54 56.63 -24.18
N LEU H 70 32.35 55.40 -24.67
CA LEU H 70 33.05 54.93 -25.86
C LEU H 70 32.69 55.79 -27.07
N GLN H 71 31.42 56.14 -27.22
CA GLN H 71 31.02 56.99 -28.34
C GLN H 71 31.73 58.33 -28.26
N SER H 72 31.83 58.88 -27.04
CA SER H 72 32.44 60.19 -26.87
C SER H 72 33.96 60.07 -27.01
N ALA H 73 34.52 58.94 -26.56
CA ALA H 73 35.93 58.70 -26.73
C ALA H 73 36.28 58.58 -28.22
N LEU H 74 35.43 57.85 -28.96
CA LEU H 74 35.63 57.66 -30.40
C LEU H 74 35.48 58.96 -31.21
N GLU H 75 34.54 59.81 -30.82
CA GLU H 75 34.34 61.09 -31.49
C GLU H 75 35.62 61.94 -31.43
N GLU H 76 36.22 62.04 -30.25
CA GLU H 76 37.41 62.86 -30.06
C GLU H 76 38.62 62.26 -30.79
N ALA H 77 38.75 60.93 -30.75
CA ALA H 77 39.82 60.24 -31.45
C ALA H 77 39.76 60.47 -32.96
N GLU H 78 38.55 60.42 -33.52
CA GLU H 78 38.36 60.61 -34.97
C GLU H 78 38.62 62.05 -35.38
N ALA H 79 38.18 62.98 -34.53
CA ALA H 79 38.44 64.40 -34.76
C ALA H 79 39.94 64.67 -34.73
N SER H 80 40.63 64.18 -33.70
CA SER H 80 42.09 64.30 -33.62
C SER H 80 42.77 63.72 -34.85
N LEU H 81 42.34 62.52 -35.26
CA LEU H 81 42.92 61.88 -36.44
C LEU H 81 42.78 62.72 -37.68
N GLU H 82 41.56 63.23 -37.90
CA GLU H 82 41.31 64.05 -39.07
C GLU H 82 42.20 65.29 -39.08
N HIS H 83 42.34 65.93 -37.93
CA HIS H 83 43.20 67.08 -37.79
C HIS H 83 44.64 66.75 -38.16
N GLU H 84 45.13 65.64 -37.60
CA GLU H 84 46.51 65.22 -37.79
C GLU H 84 46.78 64.84 -39.25
N GLU H 85 45.81 64.17 -39.87
CA GLU H 85 45.95 63.76 -41.27
C GLU H 85 46.16 64.93 -42.21
N GLY H 86 45.62 66.10 -41.88
CA GLY H 86 45.67 67.23 -42.78
C GLY H 86 46.90 68.11 -42.63
N LYS H 87 47.74 67.77 -41.67
CA LYS H 87 48.86 68.65 -41.32
C LYS H 87 49.93 68.74 -42.43
N ILE H 88 50.34 67.62 -43.02
CA ILE H 88 51.32 67.67 -44.11
C ILE H 88 50.81 68.46 -45.31
N LEU H 89 49.58 68.20 -45.76
CA LEU H 89 49.03 68.97 -46.87
C LEU H 89 49.04 70.47 -46.52
N ARG H 90 48.62 70.84 -45.32
CA ARG H 90 48.67 72.25 -44.92
C ARG H 90 50.10 72.82 -44.97
N ALA H 91 51.08 72.01 -44.58
CA ALA H 91 52.47 72.45 -44.65
C ALA H 91 52.86 72.68 -46.11
N GLN H 92 52.47 71.76 -46.98
CA GLN H 92 52.76 71.86 -48.41
C GLN H 92 52.29 73.17 -48.97
N LEU H 93 51.08 73.55 -48.61
CA LEU H 93 50.49 74.77 -49.14
C LEU H 93 51.18 76.01 -48.59
N GLU H 94 51.62 75.99 -47.33
CA GLU H 94 52.41 77.12 -46.83
C GLU H 94 53.78 77.18 -47.52
N PHE H 95 54.35 76.02 -47.82
CA PHE H 95 55.67 76.01 -48.46
C PHE H 95 55.53 76.56 -49.89
N ASN H 96 54.41 76.25 -50.55
CA ASN H 96 54.10 76.81 -51.89
C ASN H 96 54.08 78.34 -51.90
N GLN H 97 53.35 78.93 -50.95
CA GLN H 97 53.28 80.39 -50.84
C GLN H 97 54.66 80.98 -50.59
N ILE H 98 55.44 80.31 -49.74
CA ILE H 98 56.74 80.84 -49.36
C ILE H 98 57.72 80.86 -50.54
N LYS H 99 57.83 79.76 -51.29
CA LYS H 99 58.84 79.73 -52.35
C LYS H 99 58.46 80.64 -53.53
N ALA H 100 57.21 81.11 -53.56
CA ALA H 100 56.81 82.12 -54.52
C ALA H 100 57.29 83.53 -54.14
N GLU H 101 57.72 83.69 -52.89
CA GLU H 101 58.20 84.98 -52.40
C GLU H 101 59.62 85.32 -52.88
#